data_4FXO
#
_entry.id   4FXO
#
_cell.length_a   62.696
_cell.length_b   90.855
_cell.length_c   85.763
_cell.angle_alpha   90.00
_cell.angle_beta   90.30
_cell.angle_gamma   90.00
#
_symmetry.space_group_name_H-M   'P 1 21 1'
#
loop_
_entity.id
_entity.type
_entity.pdbx_description
1 polymer Caspase-6
2 non-polymer 'ZINC ION'
3 water water
#
_entity_poly.entity_id   1
_entity_poly.type   'polypeptide(L)'
_entity_poly.pdbx_seq_one_letter_code
;MSSASGLRRGHPAGGEENMTETDAFYKREMFDPAEKYKMDHRRRGIALIFNHERFFWHLTLPERRGTCADRDNLTRRFSD
LGFEVKCFNDLKAEELLLKIHEVSTVSHADADCFVCVFLSHGEGNHIYAYDAKIEIQTLTGLFKGDKCHSLVGKPKIFII
QACRGNQHDVPVIPLDVVDNQTEKLDTNITEVDAASVYTLPAGADFLMCYSVAEGYYSHRETVNGSWYIQDLCEMLGKYG
SSLEFTELLTLVNRKVSQRRVDFCKDPSAIGKKQVPCFASMLTKKLHFFPKSNHHHHHH
;
_entity_poly.pdbx_strand_id   A,B,C,D
#
loop_
_chem_comp.id
_chem_comp.type
_chem_comp.name
_chem_comp.formula
ZN non-polymer 'ZINC ION' 'Zn 2'
#
# COMPACT_ATOMS: atom_id res chain seq x y z
N LYS A 27 -3.58 -3.68 -25.65
CA LYS A 27 -4.76 -2.97 -25.07
C LYS A 27 -5.74 -3.94 -24.42
N ARG A 28 -5.22 -4.75 -23.50
CA ARG A 28 -6.03 -5.68 -22.71
C ARG A 28 -6.09 -5.24 -21.25
N GLU A 29 -4.93 -4.83 -20.72
CA GLU A 29 -4.84 -4.26 -19.39
C GLU A 29 -3.94 -3.03 -19.42
N MET A 30 -4.53 -1.86 -19.17
CA MET A 30 -3.83 -0.58 -19.34
C MET A 30 -3.03 -0.18 -18.10
N PHE A 31 -2.78 1.13 -17.96
CA PHE A 31 -1.88 1.67 -16.94
C PHE A 31 -2.25 1.22 -15.53
N ASP A 32 -1.25 0.76 -14.78
CA ASP A 32 -1.44 0.27 -13.41
C ASP A 32 -0.62 1.10 -12.42
N PRO A 33 -1.31 1.81 -11.51
CA PRO A 33 -0.67 2.64 -10.48
C PRO A 33 0.25 1.87 -9.52
N ALA A 34 0.12 0.54 -9.52
CA ALA A 34 0.94 -0.29 -8.63
C ALA A 34 1.51 -1.51 -9.35
N GLU A 35 2.22 -1.27 -10.45
CA GLU A 35 2.90 -2.34 -11.16
C GLU A 35 4.22 -2.69 -10.48
N LYS A 36 4.48 -4.00 -10.36
CA LYS A 36 5.71 -4.49 -9.75
C LYS A 36 6.56 -5.21 -10.80
N TYR A 37 7.87 -5.18 -10.62
CA TYR A 37 8.78 -5.98 -11.46
C TYR A 37 8.45 -7.45 -11.28
N LYS A 38 8.41 -8.19 -12.40
CA LYS A 38 8.11 -9.61 -12.38
C LYS A 38 9.20 -10.39 -11.63
N MET A 39 8.78 -11.11 -10.59
CA MET A 39 9.70 -11.87 -9.76
C MET A 39 9.47 -13.37 -9.90
N ASP A 40 9.09 -13.78 -11.11
CA ASP A 40 8.76 -15.18 -11.40
C ASP A 40 9.79 -15.85 -12.31
N HIS A 41 10.94 -15.21 -12.50
CA HIS A 41 12.05 -15.78 -13.25
C HIS A 41 12.69 -16.94 -12.47
N ARG A 42 13.43 -17.79 -13.19
CA ARG A 42 13.98 -19.02 -12.61
C ARG A 42 14.78 -18.80 -11.32
N ARG A 43 15.64 -17.79 -11.35
CA ARG A 43 16.43 -17.41 -10.17
C ARG A 43 16.17 -15.95 -9.82
N ARG A 44 16.49 -15.56 -8.59
CA ARG A 44 16.40 -14.15 -8.20
C ARG A 44 17.56 -13.35 -8.81
N GLY A 45 18.73 -13.99 -8.88
CA GLY A 45 19.89 -13.39 -9.52
C GLY A 45 21.13 -13.39 -8.67
N ILE A 46 22.10 -12.58 -9.07
CA ILE A 46 23.39 -12.49 -8.37
C ILE A 46 23.44 -11.26 -7.47
N ALA A 47 23.79 -11.49 -6.20
CA ALA A 47 24.11 -10.41 -5.29
C ALA A 47 25.62 -10.27 -5.17
N LEU A 48 26.20 -9.52 -6.09
CA LEU A 48 27.65 -9.31 -6.11
C LEU A 48 28.08 -8.40 -4.97
N ILE A 49 29.04 -8.87 -4.18
CA ILE A 49 29.61 -8.06 -3.12
C ILE A 49 31.06 -7.68 -3.46
N PHE A 50 31.38 -6.41 -3.27
CA PHE A 50 32.64 -5.85 -3.70
C PHE A 50 33.24 -5.04 -2.56
N ASN A 51 34.30 -5.56 -1.95
CA ASN A 51 35.02 -4.82 -0.92
C ASN A 51 36.31 -4.19 -1.42
N HIS A 52 36.31 -2.86 -1.46
CA HIS A 52 37.42 -2.07 -1.97
C HIS A 52 38.58 -2.05 -0.98
N GLU A 53 39.67 -2.72 -1.35
CA GLU A 53 40.82 -2.92 -0.48
C GLU A 53 42.13 -2.58 -1.20
N ARG A 54 42.00 -2.08 -2.43
CA ARG A 54 43.12 -1.96 -3.37
C ARG A 54 44.32 -1.17 -2.84
N PHE A 55 44.09 0.11 -2.52
CA PHE A 55 45.18 0.98 -2.07
C PHE A 55 44.92 1.54 -0.67
N PHE A 56 44.90 0.66 0.31
CA PHE A 56 44.66 1.03 1.69
C PHE A 56 45.79 0.55 2.60
N TRP A 57 46.40 1.50 3.32
CA TRP A 57 47.47 1.20 4.27
C TRP A 57 47.68 2.34 5.28
N HIS A 58 47.84 1.99 6.56
CA HIS A 58 47.75 0.60 7.01
C HIS A 58 46.35 0.28 7.51
N LEU A 59 46.15 -0.96 7.93
CA LEU A 59 44.85 -1.44 8.36
C LEU A 59 44.90 -1.92 9.82
N THR A 60 43.74 -1.93 10.47
CA THR A 60 43.62 -2.38 11.86
C THR A 60 42.48 -3.37 12.04
N LEU A 61 42.56 -4.17 13.09
CA LEU A 61 41.58 -5.24 13.35
C LEU A 61 40.16 -4.74 13.63
N PRO A 62 40.01 -3.55 14.26
CA PRO A 62 38.68 -2.93 14.36
C PRO A 62 38.00 -2.80 12.99
N GLU A 63 38.75 -2.32 12.00
CA GLU A 63 38.24 -2.14 10.65
C GLU A 63 38.25 -3.44 9.85
N ARG A 64 39.28 -4.27 10.06
CA ARG A 64 39.46 -5.52 9.32
C ARG A 64 38.33 -6.50 9.54
N ARG A 65 38.08 -6.83 10.81
CA ARG A 65 36.98 -7.72 11.16
C ARG A 65 35.65 -6.99 11.10
N GLY A 66 35.71 -5.65 11.09
CA GLY A 66 34.53 -4.82 10.92
C GLY A 66 33.99 -4.87 9.50
N THR A 67 34.89 -4.81 8.53
CA THR A 67 34.52 -4.97 7.12
C THR A 67 34.06 -6.40 6.85
N CYS A 68 34.72 -7.36 7.52
CA CYS A 68 34.30 -8.76 7.48
C CYS A 68 32.89 -8.94 8.02
N ALA A 69 32.58 -8.23 9.10
CA ALA A 69 31.25 -8.27 9.72
C ALA A 69 30.18 -7.73 8.78
N ASP A 70 30.52 -6.71 7.99
CA ASP A 70 29.63 -6.17 6.98
C ASP A 70 29.38 -7.16 5.86
N ARG A 71 30.47 -7.73 5.33
CA ARG A 71 30.40 -8.70 4.25
C ARG A 71 29.68 -10.00 4.67
N ASP A 72 30.02 -10.49 5.86
CA ASP A 72 29.38 -11.70 6.41
C ASP A 72 27.89 -11.48 6.67
N ASN A 73 27.52 -10.26 7.07
CA ASN A 73 26.13 -9.95 7.39
C ASN A 73 25.27 -9.75 6.14
N LEU A 74 25.84 -9.13 5.10
CA LEU A 74 25.15 -8.92 3.83
C LEU A 74 24.93 -10.23 3.09
N THR A 75 25.93 -11.10 3.12
CA THR A 75 25.87 -12.40 2.44
C THR A 75 24.69 -13.25 2.93
N ARG A 76 24.56 -13.37 4.25
CA ARG A 76 23.50 -14.19 4.86
C ARG A 76 22.11 -13.60 4.63
N ARG A 77 22.03 -12.28 4.55
CA ARG A 77 20.76 -11.58 4.33
C ARG A 77 20.28 -11.70 2.89
N PHE A 78 21.21 -11.59 1.93
CA PHE A 78 20.87 -11.74 0.51
C PHE A 78 20.67 -13.21 0.13
N SER A 79 21.35 -14.11 0.85
CA SER A 79 21.14 -15.55 0.66
C SER A 79 19.74 -15.96 1.14
N ASP A 80 19.24 -15.25 2.14
CA ASP A 80 17.90 -15.47 2.67
C ASP A 80 16.82 -15.04 1.67
N LEU A 81 17.11 -14.00 0.90
CA LEU A 81 16.17 -13.46 -0.07
C LEU A 81 16.20 -14.19 -1.41
N GLY A 82 17.07 -15.21 -1.50
CA GLY A 82 17.11 -16.09 -2.66
C GLY A 82 18.19 -15.73 -3.68
N PHE A 83 19.20 -14.99 -3.24
CA PHE A 83 20.28 -14.54 -4.12
C PHE A 83 21.45 -15.52 -4.16
N GLU A 84 22.11 -15.56 -5.30
CA GLU A 84 23.38 -16.28 -5.44
C GLU A 84 24.52 -15.30 -5.20
N VAL A 85 25.12 -15.36 -4.01
CA VAL A 85 26.09 -14.36 -3.57
C VAL A 85 27.51 -14.66 -4.08
N LYS A 86 28.11 -13.67 -4.72
CA LYS A 86 29.52 -13.73 -5.11
C LYS A 86 30.23 -12.48 -4.61
N CYS A 87 31.33 -12.67 -3.91
CA CYS A 87 32.14 -11.54 -3.43
C CYS A 87 33.61 -11.71 -3.80
N PHE A 88 34.18 -10.66 -4.40
CA PHE A 88 35.60 -10.67 -4.75
C PHE A 88 36.33 -9.39 -4.31
N ASN A 89 37.46 -9.57 -3.65
CA ASN A 89 38.33 -8.46 -3.30
C ASN A 89 39.08 -7.96 -4.53
N ASP A 90 39.32 -6.65 -4.58
CA ASP A 90 39.93 -6.04 -5.77
C ASP A 90 41.45 -6.04 -5.76
N LEU A 91 42.04 -6.68 -4.75
CA LEU A 91 43.49 -6.88 -4.70
C LEU A 91 43.93 -8.05 -5.58
N LYS A 92 43.02 -9.00 -5.79
CA LYS A 92 43.27 -10.15 -6.65
C LYS A 92 43.15 -9.78 -8.12
N ILE A 100 35.15 -10.05 -13.11
CA ILE A 100 34.15 -9.00 -13.20
C ILE A 100 33.40 -9.04 -14.54
N HIS A 101 34.07 -9.55 -15.56
CA HIS A 101 33.48 -9.69 -16.88
C HIS A 101 32.42 -10.78 -16.86
N GLU A 102 32.80 -11.98 -16.42
CA GLU A 102 31.89 -13.13 -16.33
C GLU A 102 30.57 -12.79 -15.61
N VAL A 103 30.62 -11.85 -14.67
CA VAL A 103 29.42 -11.43 -13.96
C VAL A 103 28.58 -10.48 -14.83
N SER A 104 29.26 -9.55 -15.50
CA SER A 104 28.60 -8.58 -16.38
C SER A 104 28.35 -9.16 -17.78
N THR A 105 29.09 -10.22 -18.12
CA THR A 105 29.03 -10.82 -19.46
C THR A 105 28.05 -12.00 -19.54
N VAL A 106 27.92 -12.74 -18.44
CA VAL A 106 27.01 -13.89 -18.40
C VAL A 106 25.54 -13.45 -18.39
N SER A 107 24.69 -14.24 -19.06
CA SER A 107 23.28 -13.92 -19.23
C SER A 107 22.48 -13.95 -17.92
N HIS A 108 21.53 -13.03 -17.81
CA HIS A 108 20.65 -12.93 -16.64
C HIS A 108 19.18 -13.07 -17.05
N ALA A 109 18.95 -13.62 -18.25
CA ALA A 109 17.60 -13.78 -18.79
C ALA A 109 16.73 -14.65 -17.88
N ASP A 110 17.38 -15.48 -17.06
CA ASP A 110 16.68 -16.37 -16.13
C ASP A 110 16.53 -15.74 -14.74
N ALA A 111 17.01 -14.50 -14.60
CA ALA A 111 17.07 -13.84 -13.29
C ALA A 111 16.09 -12.68 -13.15
N ASP A 112 15.73 -12.37 -11.91
CA ASP A 112 14.82 -11.27 -11.60
C ASP A 112 15.52 -9.92 -11.68
N CYS A 113 16.70 -9.84 -11.05
CA CYS A 113 17.39 -8.57 -10.86
C CYS A 113 18.88 -8.76 -10.62
N PHE A 114 19.60 -7.65 -10.45
CA PHE A 114 21.00 -7.68 -10.10
C PHE A 114 21.28 -6.77 -8.91
N VAL A 115 21.98 -7.30 -7.92
CA VAL A 115 22.42 -6.53 -6.75
C VAL A 115 23.93 -6.48 -6.68
N CYS A 116 24.48 -5.29 -6.52
CA CYS A 116 25.91 -5.11 -6.35
C CYS A 116 26.22 -4.23 -5.14
N VAL A 117 26.82 -4.83 -4.11
CA VAL A 117 27.20 -4.09 -2.92
C VAL A 117 28.67 -3.68 -2.99
N PHE A 118 28.92 -2.38 -2.82
CA PHE A 118 30.27 -1.84 -2.83
C PHE A 118 30.67 -1.46 -1.40
N LEU A 119 31.70 -2.12 -0.88
CA LEU A 119 32.20 -1.86 0.47
C LEU A 119 33.53 -1.14 0.44
N SER A 120 33.69 -0.15 1.31
CA SER A 120 34.90 0.65 1.37
C SER A 120 35.31 0.97 2.81
N HIS A 121 36.57 1.37 2.99
CA HIS A 121 37.08 1.73 4.31
C HIS A 121 36.84 3.20 4.60
N GLY A 122 36.41 3.50 5.84
CA GLY A 122 36.08 4.86 6.26
C GLY A 122 37.22 5.85 6.05
N GLU A 123 38.34 5.57 6.69
CA GLU A 123 39.58 6.32 6.43
C GLU A 123 40.16 5.88 5.10
N GLY A 124 40.93 6.76 4.47
CA GLY A 124 41.60 6.43 3.22
C GLY A 124 42.38 7.61 2.67
N ASN A 125 43.46 7.31 1.95
CA ASN A 125 44.22 8.33 1.23
C ASN A 125 43.41 8.85 0.04
N HIS A 126 43.84 9.99 -0.51
CA HIS A 126 43.14 10.62 -1.63
C HIS A 126 43.04 9.72 -2.86
N ILE A 127 43.99 8.81 -3.00
CA ILE A 127 44.02 7.87 -4.12
C ILE A 127 43.02 6.73 -3.94
N TYR A 128 42.93 6.21 -2.72
CA TYR A 128 41.99 5.14 -2.37
C TYR A 128 40.55 5.55 -2.73
N ALA A 129 40.14 6.72 -2.27
CA ALA A 129 38.80 7.24 -2.55
C ALA A 129 38.58 7.53 -4.03
N TYR A 130 39.67 7.88 -4.73
CA TYR A 130 39.61 8.15 -6.17
C TYR A 130 39.35 6.88 -6.98
N ASP A 131 40.10 5.81 -6.68
CA ASP A 131 39.94 4.52 -7.36
C ASP A 131 38.54 3.95 -7.17
N ALA A 132 37.97 4.15 -5.99
CA ALA A 132 36.62 3.70 -5.68
C ALA A 132 35.58 4.35 -6.60
N LYS A 133 35.75 5.65 -6.84
CA LYS A 133 34.86 6.40 -7.72
C LYS A 133 35.00 5.94 -9.18
N ILE A 134 36.20 5.49 -9.54
CA ILE A 134 36.46 4.94 -10.87
C ILE A 134 35.87 3.54 -11.00
N GLU A 135 35.95 2.75 -9.92
CA GLU A 135 35.40 1.40 -9.90
C GLU A 135 33.87 1.41 -9.97
N ILE A 136 33.26 2.29 -9.19
CA ILE A 136 31.80 2.47 -9.20
C ILE A 136 31.30 2.91 -10.59
N GLN A 137 32.06 3.79 -11.23
CA GLN A 137 31.72 4.29 -12.56
C GLN A 137 31.77 3.19 -13.63
N THR A 138 32.85 2.40 -13.62
CA THR A 138 33.04 1.33 -14.60
C THR A 138 32.16 0.12 -14.30
N LEU A 139 31.85 -0.09 -13.03
CA LEU A 139 31.03 -1.23 -12.59
C LEU A 139 29.55 -1.04 -12.98
N THR A 140 29.03 0.17 -12.74
CA THR A 140 27.65 0.49 -13.09
C THR A 140 27.45 0.58 -14.61
N GLY A 141 28.49 0.99 -15.32
CA GLY A 141 28.44 1.15 -16.78
C GLY A 141 28.30 -0.15 -17.54
N LEU A 142 28.70 -1.26 -16.91
CA LEU A 142 28.63 -2.58 -17.51
C LEU A 142 27.20 -3.11 -17.62
N PHE A 143 26.33 -2.64 -16.73
CA PHE A 143 24.97 -3.15 -16.61
C PHE A 143 23.91 -2.20 -17.18
N LYS A 144 24.36 -1.11 -17.79
CA LYS A 144 23.49 -0.23 -18.55
C LYS A 144 22.91 -0.97 -19.76
N GLY A 145 21.66 -0.64 -20.11
CA GLY A 145 20.93 -1.35 -21.16
C GLY A 145 21.69 -1.59 -22.45
N ASP A 146 22.60 -0.69 -22.78
CA ASP A 146 23.36 -0.75 -24.02
C ASP A 146 24.36 -1.92 -24.06
N LYS A 147 24.78 -2.37 -22.88
CA LYS A 147 25.78 -3.44 -22.77
C LYS A 147 25.19 -4.74 -22.22
N CYS A 148 24.33 -4.62 -21.21
CA CYS A 148 23.70 -5.79 -20.59
C CYS A 148 22.28 -5.99 -21.11
N HIS A 149 22.13 -6.90 -22.07
CA HIS A 149 20.85 -7.16 -22.73
C HIS A 149 19.86 -7.90 -21.83
N SER A 150 20.40 -8.73 -20.94
CA SER A 150 19.60 -9.64 -20.14
C SER A 150 18.86 -8.93 -19.02
N LEU A 151 19.41 -7.82 -18.54
CA LEU A 151 18.84 -7.09 -17.40
C LEU A 151 18.06 -5.84 -17.81
N VAL A 152 17.62 -5.79 -19.06
CA VAL A 152 16.81 -4.67 -19.55
C VAL A 152 15.36 -4.84 -19.07
N GLY A 153 14.85 -3.83 -18.36
CA GLY A 153 13.52 -3.89 -17.76
C GLY A 153 13.56 -4.56 -16.39
N LYS A 154 14.76 -4.90 -15.94
CA LYS A 154 14.95 -5.56 -14.65
C LYS A 154 15.75 -4.65 -13.73
N PRO A 155 15.35 -4.58 -12.44
CA PRO A 155 15.98 -3.66 -11.50
C PRO A 155 17.44 -3.97 -11.23
N LYS A 156 18.28 -2.94 -11.25
CA LYS A 156 19.69 -3.09 -10.89
C LYS A 156 20.01 -2.24 -9.67
N ILE A 157 20.28 -2.91 -8.56
CA ILE A 157 20.50 -2.24 -7.28
C ILE A 157 21.99 -2.22 -6.94
N PHE A 158 22.54 -1.02 -6.81
CA PHE A 158 23.93 -0.84 -6.43
C PHE A 158 24.00 -0.17 -5.06
N ILE A 159 24.35 -0.95 -4.04
CA ILE A 159 24.52 -0.43 -2.70
C ILE A 159 25.97 -0.01 -2.48
N ILE A 160 26.18 1.28 -2.28
CA ILE A 160 27.52 1.86 -2.27
C ILE A 160 27.90 2.40 -0.88
N GLN A 161 29.08 2.01 -0.42
CA GLN A 161 29.67 2.59 0.77
C GLN A 161 30.63 3.71 0.35
N ALA A 162 30.20 4.95 0.55
CA ALA A 162 30.97 6.13 0.15
C ALA A 162 32.15 6.37 1.08
N CYS A 163 33.26 6.83 0.50
CA CYS A 163 34.50 7.04 1.25
C CYS A 163 35.30 8.21 0.68
N ALA A 194 40.08 12.79 -16.98
CA ALA A 194 39.25 12.15 -15.97
C ALA A 194 38.58 13.19 -15.07
N ALA A 195 37.74 14.02 -15.66
CA ALA A 195 37.09 15.12 -14.95
C ALA A 195 35.67 14.76 -14.46
N SER A 196 35.23 13.54 -14.78
CA SER A 196 33.90 13.07 -14.39
C SER A 196 33.90 12.40 -13.02
N VAL A 197 34.39 13.12 -12.02
CA VAL A 197 34.53 12.60 -10.66
C VAL A 197 33.33 13.03 -9.79
N TYR A 198 32.31 12.19 -9.73
CA TYR A 198 31.10 12.46 -8.96
C TYR A 198 30.51 11.15 -8.44
N THR A 199 29.56 11.26 -7.49
CA THR A 199 28.86 10.08 -6.97
C THR A 199 27.58 9.79 -7.78
N LEU A 200 27.53 10.30 -9.01
CA LEU A 200 26.34 10.15 -9.84
C LEU A 200 26.65 9.47 -11.18
N PRO A 201 26.16 8.23 -11.35
CA PRO A 201 26.19 7.51 -12.62
C PRO A 201 24.82 7.59 -13.33
N ALA A 202 24.61 6.73 -14.33
CA ALA A 202 23.40 6.79 -15.16
C ALA A 202 22.73 5.42 -15.36
N GLY A 203 21.52 5.44 -15.94
CA GLY A 203 20.83 4.22 -16.33
C GLY A 203 19.38 4.13 -15.88
N ALA A 204 18.54 3.51 -16.71
CA ALA A 204 17.13 3.30 -16.38
C ALA A 204 16.92 1.98 -15.63
N ASP A 205 15.93 1.96 -14.74
CA ASP A 205 15.70 0.83 -13.83
C ASP A 205 16.87 0.61 -12.86
N PHE A 206 17.56 1.68 -12.52
CA PHE A 206 18.70 1.63 -11.61
C PHE A 206 18.32 2.13 -10.21
N LEU A 207 18.84 1.45 -9.21
CA LEU A 207 18.67 1.87 -7.82
C LEU A 207 20.02 2.06 -7.15
N MET A 208 20.37 3.32 -6.90
CA MET A 208 21.65 3.68 -6.30
C MET A 208 21.48 3.98 -4.81
N CYS A 209 21.97 3.08 -3.97
CA CYS A 209 21.85 3.24 -2.52
C CYS A 209 23.18 3.74 -1.95
N TYR A 210 23.14 4.87 -1.26
CA TYR A 210 24.33 5.47 -0.68
C TYR A 210 24.27 5.48 0.85
N SER A 211 25.41 5.18 1.48
CA SER A 211 25.53 5.21 2.93
C SER A 211 25.53 6.64 3.45
N VAL A 212 26.12 7.55 2.67
CA VAL A 212 26.22 8.96 3.06
C VAL A 212 25.77 9.87 1.92
N ALA A 213 24.99 10.90 2.27
CA ALA A 213 24.66 11.98 1.34
C ALA A 213 25.90 12.84 1.13
N GLU A 214 25.96 13.49 -0.04
CA GLU A 214 27.20 14.06 -0.59
C GLU A 214 28.18 14.74 0.40
N GLY A 215 27.65 15.52 1.34
CA GLY A 215 28.50 16.32 2.23
C GLY A 215 28.53 15.89 3.68
N TYR A 216 27.82 14.81 4.00
CA TYR A 216 27.63 14.40 5.39
C TYR A 216 28.77 13.53 5.94
N TYR A 217 28.78 13.37 7.26
CA TYR A 217 29.77 12.55 7.96
C TYR A 217 29.42 11.07 7.85
N SER A 218 30.45 10.23 7.70
CA SER A 218 30.26 8.79 7.63
C SER A 218 30.83 8.08 8.85
N HIS A 219 30.19 6.98 9.23
CA HIS A 219 30.65 6.12 10.31
C HIS A 219 32.10 5.67 10.13
N ARG A 220 32.78 5.41 11.25
CA ARG A 220 33.97 4.59 11.23
C ARG A 220 33.55 3.15 11.53
N GLU A 221 34.23 2.19 10.91
CA GLU A 221 33.82 0.80 10.99
C GLU A 221 34.24 0.17 12.32
N THR A 222 33.24 -0.15 13.14
CA THR A 222 33.46 -0.84 14.41
C THR A 222 33.68 -2.34 14.17
N VAL A 223 34.00 -3.07 15.23
CA VAL A 223 34.19 -4.53 15.15
C VAL A 223 32.93 -5.25 14.66
N ASN A 224 31.78 -4.78 15.12
CA ASN A 224 30.48 -5.35 14.72
C ASN A 224 30.03 -4.93 13.31
N GLY A 225 30.76 -4.00 12.71
CA GLY A 225 30.47 -3.56 11.34
C GLY A 225 30.32 -2.06 11.23
N SER A 226 29.49 -1.62 10.28
CA SER A 226 29.23 -0.21 10.07
C SER A 226 27.75 0.12 10.23
N TRP A 227 27.47 1.37 10.63
CA TRP A 227 26.10 1.82 10.90
C TRP A 227 25.13 1.51 9.78
N TYR A 228 25.49 1.91 8.55
CA TYR A 228 24.62 1.76 7.40
C TYR A 228 24.33 0.30 7.08
N ILE A 229 25.37 -0.53 7.10
CA ILE A 229 25.26 -1.95 6.73
C ILE A 229 24.52 -2.76 7.80
N GLN A 230 24.88 -2.56 9.07
CA GLN A 230 24.19 -3.19 10.19
C GLN A 230 22.67 -2.98 10.11
N ASP A 231 22.29 -1.74 9.83
CA ASP A 231 20.89 -1.35 9.76
C ASP A 231 20.20 -1.89 8.51
N LEU A 232 20.93 -1.91 7.40
CA LEU A 232 20.43 -2.48 6.15
CA LEU A 232 20.42 -2.47 6.14
C LEU A 232 20.10 -3.95 6.33
N CYS A 233 21.02 -4.69 6.95
CA CYS A 233 20.86 -6.12 7.17
C CYS A 233 19.75 -6.45 8.17
N GLU A 234 19.62 -5.61 9.21
CA GLU A 234 18.56 -5.77 10.22
C GLU A 234 17.18 -5.61 9.59
N MET A 235 17.05 -4.63 8.70
CA MET A 235 15.79 -4.38 7.99
C MET A 235 15.53 -5.45 6.92
N LEU A 236 16.59 -5.89 6.25
CA LEU A 236 16.49 -6.97 5.25
C LEU A 236 16.15 -8.31 5.90
N GLY A 237 16.60 -8.50 7.13
CA GLY A 237 16.28 -9.71 7.89
C GLY A 237 14.86 -9.70 8.42
N LYS A 238 14.36 -8.50 8.73
CA LYS A 238 13.05 -8.35 9.34
C LYS A 238 11.93 -8.09 8.34
N TYR A 239 12.21 -7.31 7.29
CA TYR A 239 11.18 -6.92 6.32
C TYR A 239 11.60 -7.13 4.86
N GLY A 240 12.62 -7.96 4.65
CA GLY A 240 13.20 -8.17 3.31
C GLY A 240 12.19 -8.61 2.26
N SER A 241 11.32 -9.54 2.64
CA SER A 241 10.31 -10.08 1.73
C SER A 241 8.93 -9.46 1.97
N SER A 242 8.85 -8.61 3.00
CA SER A 242 7.58 -8.06 3.45
C SER A 242 7.30 -6.68 2.88
N LEU A 243 8.36 -5.94 2.55
CA LEU A 243 8.22 -4.56 2.11
C LEU A 243 8.74 -4.34 0.69
N GLU A 244 8.17 -3.33 0.02
CA GLU A 244 8.76 -2.80 -1.20
C GLU A 244 10.09 -2.14 -0.86
N PHE A 245 11.11 -2.43 -1.67
CA PHE A 245 12.51 -2.15 -1.31
C PHE A 245 12.80 -0.67 -1.01
N THR A 246 12.03 0.24 -1.61
CA THR A 246 12.18 1.67 -1.38
C THR A 246 11.68 2.08 0.01
N GLU A 247 10.60 1.43 0.46
CA GLU A 247 10.11 1.61 1.83
C GLU A 247 11.09 1.03 2.83
N LEU A 248 11.74 -0.06 2.43
CA LEU A 248 12.76 -0.74 3.23
C LEU A 248 13.97 0.17 3.46
N LEU A 249 14.39 0.88 2.43
CA LEU A 249 15.54 1.77 2.50
C LEU A 249 15.25 3.04 3.30
N THR A 250 13.97 3.45 3.29
CA THR A 250 13.52 4.60 4.07
C THR A 250 13.63 4.31 5.57
N LEU A 251 13.46 3.04 5.94
CA LEU A 251 13.66 2.60 7.32
C LEU A 251 15.14 2.65 7.70
N VAL A 252 16.00 2.30 6.76
CA VAL A 252 17.46 2.40 6.94
C VAL A 252 17.86 3.87 7.04
N ASN A 253 17.20 4.72 6.26
CA ASN A 253 17.42 6.16 6.31
C ASN A 253 17.14 6.76 7.69
N ARG A 254 16.02 6.32 8.29
CA ARG A 254 15.63 6.79 9.62
C ARG A 254 16.53 6.23 10.71
N LYS A 255 16.71 4.90 10.71
CA LYS A 255 17.50 4.22 11.73
C LYS A 255 18.92 4.75 11.87
N VAL A 256 19.57 5.03 10.73
CA VAL A 256 20.95 5.51 10.72
C VAL A 256 21.04 6.97 11.19
N SER A 257 20.10 7.80 10.74
CA SER A 257 20.08 9.23 11.08
C SER A 257 19.67 9.48 12.54
N GLN A 258 18.78 8.64 13.06
CA GLN A 258 18.38 8.71 14.48
C GLN A 258 19.51 8.21 15.38
N ARG A 259 20.32 7.30 14.86
CA ARG A 259 21.45 6.75 15.59
C ARG A 259 22.63 7.73 15.63
N ARG A 260 22.32 9.00 15.89
CA ARG A 260 23.35 10.01 16.06
C ARG A 260 24.01 9.88 17.44
N VAL A 261 25.01 9.01 17.53
CA VAL A 261 25.65 8.68 18.79
C VAL A 261 27.07 9.21 18.87
N LYS A 273 25.48 13.84 12.10
CA LYS A 273 24.64 12.69 11.79
C LYS A 273 24.91 12.17 10.38
N GLN A 274 24.85 10.85 10.22
CA GLN A 274 25.00 10.23 8.92
C GLN A 274 23.64 10.11 8.23
N VAL A 275 23.51 10.79 7.09
CA VAL A 275 22.26 10.79 6.34
C VAL A 275 22.41 9.97 5.05
N PRO A 276 21.77 8.79 5.00
CA PRO A 276 21.76 7.98 3.78
C PRO A 276 20.84 8.56 2.71
N CYS A 277 21.06 8.15 1.46
CA CYS A 277 20.26 8.60 0.33
C CYS A 277 20.22 7.53 -0.75
N PHE A 278 19.01 7.20 -1.22
CA PHE A 278 18.86 6.33 -2.37
C PHE A 278 18.30 7.06 -3.58
N ALA A 279 19.04 6.98 -4.70
CA ALA A 279 18.63 7.58 -5.96
C ALA A 279 17.91 6.54 -6.81
N SER A 280 16.63 6.78 -7.07
CA SER A 280 15.78 5.79 -7.74
C SER A 280 15.44 6.17 -9.17
N MET A 281 15.79 5.27 -10.09
CA MET A 281 15.41 5.40 -11.49
C MET A 281 14.54 4.22 -11.90
N LEU A 282 13.96 3.56 -10.89
CA LEU A 282 13.08 2.42 -11.11
C LEU A 282 11.74 2.84 -11.68
N THR A 283 11.13 1.96 -12.46
CA THR A 283 9.88 2.25 -13.15
C THR A 283 8.69 1.58 -12.47
N LYS A 284 8.97 0.56 -11.67
CA LYS A 284 7.93 -0.23 -11.01
C LYS A 284 8.23 -0.43 -9.52
N LYS A 285 7.28 -1.03 -8.82
CA LYS A 285 7.48 -1.44 -7.43
C LYS A 285 8.42 -2.63 -7.36
N LEU A 286 9.31 -2.62 -6.36
CA LEU A 286 10.25 -3.71 -6.18
C LEU A 286 9.97 -4.48 -4.91
N HIS A 287 9.63 -5.76 -5.07
CA HIS A 287 9.28 -6.62 -3.94
C HIS A 287 10.01 -7.95 -4.04
N PHE A 288 10.69 -8.32 -2.96
CA PHE A 288 11.42 -9.58 -2.92
C PHE A 288 10.62 -10.69 -2.25
N PHE A 289 9.40 -10.93 -2.74
CA PHE A 289 8.56 -12.02 -2.29
C PHE A 289 9.33 -13.35 -2.33
N PRO A 290 9.09 -14.24 -1.36
CA PRO A 290 9.75 -15.55 -1.33
C PRO A 290 9.48 -16.37 -2.59
N LYS A 291 10.49 -17.12 -3.02
CA LYS A 291 10.46 -17.81 -4.31
C LYS A 291 10.18 -19.31 -4.16
N SER A 292 10.49 -20.07 -5.21
CA SER A 292 10.51 -21.55 -5.18
C SER A 292 9.15 -22.23 -4.97
N ASN A 293 8.07 -21.48 -5.11
CA ASN A 293 6.73 -22.05 -4.98
C ASN A 293 6.00 -22.17 -6.31
N MET B 30 7.50 1.21 19.96
CA MET B 30 8.89 1.16 19.42
C MET B 30 8.92 1.25 17.89
N PHE B 31 9.98 0.71 17.28
CA PHE B 31 10.24 0.88 15.86
C PHE B 31 9.07 0.43 14.97
N ASP B 32 8.72 1.29 14.01
CA ASP B 32 7.61 1.04 13.11
C ASP B 32 8.09 0.98 11.66
N PRO B 33 7.96 -0.19 11.01
CA PRO B 33 8.35 -0.41 9.61
C PRO B 33 7.61 0.49 8.61
N ALA B 34 6.51 1.09 9.03
CA ALA B 34 5.72 1.96 8.15
C ALA B 34 5.30 3.25 8.84
N GLU B 35 6.27 3.99 9.35
CA GLU B 35 6.02 5.30 9.94
C GLU B 35 5.88 6.36 8.86
N LYS B 36 4.89 7.22 9.01
CA LYS B 36 4.65 8.32 8.07
C LYS B 36 4.89 9.66 8.76
N TYR B 37 5.29 10.66 7.99
CA TYR B 37 5.39 12.02 8.49
C TYR B 37 4.00 12.51 8.92
N LYS B 38 3.94 13.15 10.08
CA LYS B 38 2.68 13.66 10.61
C LYS B 38 2.11 14.74 9.71
N MET B 39 0.88 14.51 9.24
CA MET B 39 0.20 15.43 8.33
C MET B 39 -1.02 16.08 8.99
N ASP B 40 -0.90 16.31 10.30
CA ASP B 40 -2.00 16.86 11.10
C ASP B 40 -1.73 18.29 11.57
N HIS B 41 -0.69 18.93 11.00
CA HIS B 41 -0.40 20.33 11.28
C HIS B 41 -1.45 21.24 10.66
N ARG B 42 -1.53 22.48 11.16
CA ARG B 42 -2.59 23.42 10.77
C ARG B 42 -2.73 23.60 9.26
N ARG B 43 -1.60 23.78 8.59
CA ARG B 43 -1.57 23.89 7.12
C ARG B 43 -0.66 22.81 6.54
N ARG B 44 -0.82 22.53 5.25
CA ARG B 44 0.08 21.61 4.56
C ARG B 44 1.42 22.29 4.29
N GLY B 45 1.38 23.59 4.00
CA GLY B 45 2.59 24.37 3.82
C GLY B 45 2.64 25.14 2.52
N ILE B 46 3.82 25.61 2.16
CA ILE B 46 4.03 26.41 0.96
C ILE B 46 4.59 25.55 -0.18
N ALA B 47 3.93 25.62 -1.33
CA ALA B 47 4.47 25.06 -2.56
C ALA B 47 5.08 26.18 -3.41
N LEU B 48 6.33 26.51 -3.12
CA LEU B 48 7.04 27.56 -3.83
C LEU B 48 7.37 27.12 -5.26
N ILE B 49 6.97 27.92 -6.23
CA ILE B 49 7.31 27.68 -7.62
C ILE B 49 8.31 28.73 -8.12
N PHE B 50 9.36 28.27 -8.79
CA PHE B 50 10.47 29.10 -9.19
C PHE B 50 10.78 28.85 -10.65
N ASN B 51 10.46 29.83 -11.51
CA ASN B 51 10.83 29.72 -12.92
C ASN B 51 12.04 30.57 -13.29
N HIS B 52 13.12 29.88 -13.63
CA HIS B 52 14.40 30.49 -13.95
C HIS B 52 14.37 31.15 -15.33
N GLU B 53 14.39 32.48 -15.33
CA GLU B 53 14.25 33.28 -16.56
C GLU B 53 15.34 34.34 -16.66
N ARG B 54 16.27 34.31 -15.71
CA ARG B 54 17.23 35.39 -15.48
C ARG B 54 18.04 35.80 -16.72
N PHE B 55 18.84 34.87 -17.25
CA PHE B 55 19.70 35.16 -18.38
C PHE B 55 19.40 34.28 -19.59
N PHE B 56 18.20 34.46 -20.15
CA PHE B 56 17.76 33.71 -21.29
C PHE B 56 17.36 34.62 -22.44
N TRP B 57 17.99 34.42 -23.60
CA TRP B 57 17.68 35.18 -24.81
C TRP B 57 18.18 34.48 -26.07
N HIS B 58 17.35 34.45 -27.12
CA HIS B 58 16.00 34.99 -27.06
C HIS B 58 14.99 33.90 -26.73
N LEU B 59 13.72 34.29 -26.64
CA LEU B 59 12.66 33.37 -26.25
C LEU B 59 11.60 33.27 -27.35
N THR B 60 10.86 32.16 -27.35
CA THR B 60 9.79 31.94 -28.33
C THR B 60 8.50 31.49 -27.65
N LEU B 61 7.38 31.70 -28.35
CA LEU B 61 6.05 31.40 -27.80
C LEU B 61 5.79 29.91 -27.51
N PRO B 62 6.39 28.99 -28.31
CA PRO B 62 6.36 27.58 -27.94
C PRO B 62 6.86 27.33 -26.53
N GLU B 63 8.00 27.96 -26.19
CA GLU B 63 8.60 27.80 -24.86
C GLU B 63 7.95 28.71 -23.82
N ARG B 64 7.54 29.91 -24.25
CA ARG B 64 6.99 30.91 -23.33
C ARG B 64 5.67 30.46 -22.72
N ARG B 65 4.71 30.11 -23.58
CA ARG B 65 3.43 29.59 -23.12
C ARG B 65 3.57 28.15 -22.65
N GLY B 66 4.66 27.50 -23.04
CA GLY B 66 4.98 26.16 -22.59
C GLY B 66 5.42 26.12 -21.13
N THR B 67 6.27 27.08 -20.75
CA THR B 67 6.67 27.25 -19.36
C THR B 67 5.48 27.71 -18.50
N CYS B 68 4.65 28.56 -19.10
CA CYS B 68 3.40 28.98 -18.48
C CYS B 68 2.47 27.79 -18.21
N ALA B 69 2.42 26.87 -19.18
CA ALA B 69 1.61 25.66 -19.06
C ALA B 69 2.10 24.76 -17.93
N ASP B 70 3.41 24.71 -17.72
CA ASP B 70 4.00 23.97 -16.62
C ASP B 70 3.65 24.60 -15.28
N ARG B 71 3.84 25.91 -15.18
CA ARG B 71 3.57 26.67 -13.96
C ARG B 71 2.07 26.66 -13.60
N ASP B 72 1.23 26.87 -14.61
CA ASP B 72 -0.23 26.84 -14.43
C ASP B 72 -0.73 25.46 -14.02
N ASN B 73 -0.07 24.42 -14.52
CA ASN B 73 -0.47 23.04 -14.23
C ASN B 73 -0.04 22.58 -12.85
N LEU B 74 1.16 22.99 -12.43
CA LEU B 74 1.68 22.67 -11.10
C LEU B 74 0.90 23.38 -9.99
N THR B 75 0.56 24.63 -10.24
CA THR B 75 -0.17 25.46 -9.28
C THR B 75 -1.51 24.82 -8.89
N ARG B 76 -2.30 24.43 -9.89
CA ARG B 76 -3.62 23.85 -9.66
C ARG B 76 -3.54 22.47 -8.99
N ARG B 77 -2.47 21.73 -9.27
CA ARG B 77 -2.27 20.40 -8.69
C ARG B 77 -1.85 20.47 -7.23
N PHE B 78 -0.98 21.40 -6.89
CA PHE B 78 -0.54 21.60 -5.51
C PHE B 78 -1.60 22.32 -4.67
N SER B 79 -2.40 23.16 -5.32
CA SER B 79 -3.55 23.79 -4.68
C SER B 79 -4.61 22.75 -4.30
N ASP B 80 -4.72 21.70 -5.12
CA ASP B 80 -5.64 20.58 -4.85
C ASP B 80 -5.21 19.77 -3.63
N LEU B 81 -3.90 19.66 -3.43
CA LEU B 81 -3.35 18.87 -2.34
C LEU B 81 -3.29 19.66 -1.02
N GLY B 82 -3.74 20.91 -1.05
CA GLY B 82 -3.86 21.72 0.15
C GLY B 82 -2.70 22.67 0.40
N PHE B 83 -1.95 22.97 -0.66
CA PHE B 83 -0.78 23.84 -0.56
C PHE B 83 -1.12 25.31 -0.79
N GLU B 84 -0.36 26.18 -0.14
CA GLU B 84 -0.41 27.62 -0.40
C GLU B 84 0.68 27.95 -1.41
N VAL B 85 0.27 28.15 -2.67
CA VAL B 85 1.22 28.29 -3.78
C VAL B 85 1.73 29.72 -3.93
N LYS B 86 3.05 29.86 -3.97
CA LYS B 86 3.70 31.13 -4.28
C LYS B 86 4.72 30.91 -5.39
N CYS B 87 4.64 31.70 -6.45
CA CYS B 87 5.60 31.63 -7.54
C CYS B 87 6.19 33.00 -7.87
N PHE B 88 7.51 33.08 -7.94
CA PHE B 88 8.20 34.31 -8.31
C PHE B 88 9.27 34.10 -9.38
N ASN B 89 9.23 34.93 -10.41
CA ASN B 89 10.26 34.96 -11.44
C ASN B 89 11.52 35.62 -10.89
N ASP B 90 12.69 35.14 -11.34
CA ASP B 90 13.96 35.63 -10.81
C ASP B 90 14.51 36.87 -11.52
N LEU B 91 13.72 37.40 -12.46
CA LEU B 91 14.07 38.66 -13.13
C LEU B 91 13.72 39.86 -12.25
N LYS B 92 12.71 39.69 -11.39
CA LYS B 92 12.30 40.74 -10.46
C LYS B 92 13.26 40.84 -9.28
N GLU B 95 14.70 43.67 -3.29
CA GLU B 95 13.49 42.90 -3.04
C GLU B 95 13.52 41.55 -3.76
N LEU B 96 14.51 41.37 -4.63
CA LEU B 96 14.67 40.13 -5.41
C LEU B 96 14.98 38.93 -4.51
N LEU B 97 15.77 39.17 -3.46
CA LEU B 97 16.12 38.13 -2.49
C LEU B 97 15.24 38.20 -1.24
N LEU B 98 14.64 39.36 -1.00
CA LEU B 98 13.76 39.57 0.15
C LEU B 98 12.46 38.77 0.01
N LYS B 99 12.06 38.52 -1.23
CA LYS B 99 10.91 37.67 -1.53
C LYS B 99 11.24 36.19 -1.33
N ILE B 100 12.54 35.89 -1.28
CA ILE B 100 13.02 34.52 -1.05
C ILE B 100 13.37 34.31 0.43
N HIS B 101 13.72 35.39 1.11
CA HIS B 101 14.01 35.35 2.55
C HIS B 101 12.74 35.06 3.34
N GLU B 102 11.71 35.88 3.13
CA GLU B 102 10.43 35.73 3.81
C GLU B 102 9.86 34.30 3.74
N VAL B 103 10.19 33.59 2.65
CA VAL B 103 9.75 32.21 2.50
C VAL B 103 10.62 31.28 3.35
N SER B 104 11.93 31.50 3.33
CA SER B 104 12.88 30.69 4.09
C SER B 104 13.00 31.18 5.53
N THR B 105 12.58 32.42 5.78
CA THR B 105 12.72 33.05 7.10
C THR B 105 11.48 32.91 7.97
N VAL B 106 10.30 32.90 7.33
CA VAL B 106 9.03 32.76 8.06
C VAL B 106 8.85 31.34 8.60
N SER B 107 8.23 31.25 9.78
CA SER B 107 8.04 29.99 10.50
C SER B 107 7.10 29.02 9.79
N HIS B 108 7.44 27.74 9.86
CA HIS B 108 6.64 26.66 9.28
C HIS B 108 6.20 25.67 10.35
N ALA B 109 6.25 26.08 11.61
CA ALA B 109 5.88 25.23 12.74
C ALA B 109 4.42 24.75 12.64
N ASP B 110 3.61 25.48 11.89
CA ASP B 110 2.20 25.14 11.70
C ASP B 110 1.99 24.32 10.42
N ALA B 111 3.08 24.01 9.72
CA ALA B 111 3.01 23.36 8.40
C ALA B 111 3.51 21.92 8.42
N ASP B 112 3.03 21.13 7.45
CA ASP B 112 3.43 19.73 7.31
C ASP B 112 4.80 19.61 6.65
N CYS B 113 4.99 20.34 5.56
CA CYS B 113 6.17 20.17 4.71
C CYS B 113 6.45 21.42 3.87
N PHE B 114 7.51 21.36 3.07
CA PHE B 114 7.83 22.41 2.12
C PHE B 114 8.09 21.84 0.74
N VAL B 115 7.44 22.43 -0.27
CA VAL B 115 7.67 22.04 -1.66
C VAL B 115 8.21 23.22 -2.44
N CYS B 116 9.29 22.99 -3.19
CA CYS B 116 9.87 24.01 -4.05
C CYS B 116 10.12 23.46 -5.45
N VAL B 117 9.37 23.99 -6.42
CA VAL B 117 9.52 23.58 -7.81
C VAL B 117 10.41 24.57 -8.55
N PHE B 118 11.47 24.04 -9.17
CA PHE B 118 12.39 24.84 -9.96
C PHE B 118 12.16 24.58 -11.45
N LEU B 119 11.76 25.63 -12.17
CA LEU B 119 11.50 25.52 -13.61
C LEU B 119 12.57 26.23 -14.42
N SER B 120 13.00 25.59 -15.51
CA SER B 120 14.06 26.13 -16.36
C SER B 120 13.77 25.91 -17.84
N HIS B 121 14.46 26.66 -18.69
CA HIS B 121 14.31 26.53 -20.14
C HIS B 121 15.26 25.47 -20.70
N GLY B 122 14.74 24.65 -21.61
CA GLY B 122 15.51 23.53 -22.20
C GLY B 122 16.81 23.99 -22.84
N GLU B 123 16.70 24.87 -23.83
CA GLU B 123 17.87 25.54 -24.40
C GLU B 123 18.36 26.60 -23.43
N GLY B 124 19.64 26.93 -23.52
CA GLY B 124 20.24 27.97 -22.69
C GLY B 124 21.72 28.13 -22.94
N ASN B 125 22.21 29.36 -22.76
CA ASN B 125 23.64 29.62 -22.80
C ASN B 125 24.35 29.01 -21.58
N HIS B 126 25.67 28.92 -21.65
CA HIS B 126 26.46 28.31 -20.57
C HIS B 126 26.28 29.03 -19.23
N ILE B 127 25.98 30.32 -19.29
CA ILE B 127 25.77 31.14 -18.10
C ILE B 127 24.41 30.88 -17.45
N TYR B 128 23.38 30.77 -18.29
CA TYR B 128 22.02 30.47 -17.83
C TYR B 128 21.99 29.20 -16.98
N ALA B 129 22.56 28.12 -17.50
CA ALA B 129 22.62 26.84 -16.79
C ALA B 129 23.49 26.91 -15.54
N TYR B 130 24.48 27.80 -15.55
CA TYR B 130 25.37 27.99 -14.40
C TYR B 130 24.65 28.67 -13.24
N ASP B 131 23.93 29.74 -13.54
CA ASP B 131 23.17 30.49 -12.53
C ASP B 131 22.11 29.62 -11.86
N ALA B 132 21.49 28.73 -12.65
CA ALA B 132 20.49 27.79 -12.14
C ALA B 132 21.07 26.87 -11.07
N LYS B 133 22.29 26.37 -11.33
CA LYS B 133 22.99 25.51 -10.39
C LYS B 133 23.36 26.26 -9.10
N ILE B 134 23.62 27.55 -9.23
CA ILE B 134 23.91 28.42 -8.08
C ILE B 134 22.63 28.72 -7.29
N GLU B 135 21.53 28.90 -8.00
CA GLU B 135 20.23 29.17 -7.38
C GLU B 135 19.72 27.95 -6.61
N ILE B 136 19.83 26.77 -7.22
CA ILE B 136 19.45 25.51 -6.59
C ILE B 136 20.28 25.25 -5.32
N GLN B 137 21.56 25.57 -5.38
CA GLN B 137 22.48 25.39 -4.26
C GLN B 137 22.13 26.29 -3.08
N THR B 138 21.88 27.57 -3.36
CA THR B 138 21.56 28.55 -2.32
C THR B 138 20.13 28.42 -1.82
N LEU B 139 19.24 27.93 -2.67
CA LEU B 139 17.83 27.75 -2.32
C LEU B 139 17.63 26.56 -1.38
N THR B 140 18.29 25.45 -1.67
CA THR B 140 18.22 24.26 -0.82
C THR B 140 18.93 24.45 0.52
N GLY B 141 19.98 25.28 0.50
CA GLY B 141 20.79 25.54 1.69
C GLY B 141 20.07 26.33 2.77
N LEU B 142 19.02 27.05 2.37
CA LEU B 142 18.23 27.86 3.30
C LEU B 142 17.34 27.01 4.21
N PHE B 143 16.97 25.83 3.73
CA PHE B 143 16.01 24.97 4.42
C PHE B 143 16.65 23.77 5.11
N LYS B 144 17.99 23.73 5.10
CA LYS B 144 18.74 22.75 5.90
C LYS B 144 18.51 23.01 7.39
N GLY B 145 18.48 21.93 8.16
CA GLY B 145 18.15 21.98 9.59
C GLY B 145 18.85 23.08 10.38
N ASP B 146 20.07 23.42 9.97
CA ASP B 146 20.90 24.41 10.68
C ASP B 146 20.34 25.84 10.57
N LYS B 147 19.57 26.09 9.52
CA LYS B 147 19.02 27.43 9.27
C LYS B 147 17.50 27.49 9.46
N CYS B 148 16.80 26.46 8.98
CA CYS B 148 15.35 26.41 9.09
C CYS B 148 14.91 25.51 10.24
N HIS B 149 14.60 26.12 11.38
CA HIS B 149 14.24 25.41 12.60
C HIS B 149 12.86 24.76 12.52
N SER B 150 11.97 25.40 11.77
CA SER B 150 10.56 25.02 11.75
C SER B 150 10.31 23.73 10.94
N LEU B 151 11.18 23.47 9.97
CA LEU B 151 11.01 22.33 9.08
C LEU B 151 11.93 21.15 9.41
N VAL B 152 12.40 21.10 10.66
CA VAL B 152 13.23 19.99 11.12
C VAL B 152 12.34 18.79 11.45
N GLY B 153 12.62 17.66 10.81
CA GLY B 153 11.80 16.46 10.93
C GLY B 153 10.63 16.46 9.97
N LYS B 154 10.57 17.48 9.13
CA LYS B 154 9.51 17.64 8.16
C LYS B 154 10.08 17.55 6.75
N PRO B 155 9.37 16.86 5.84
CA PRO B 155 9.88 16.61 4.49
C PRO B 155 10.03 17.90 3.66
N LYS B 156 11.17 18.03 2.99
CA LYS B 156 11.40 19.14 2.08
C LYS B 156 11.61 18.62 0.67
N ILE B 157 10.63 18.90 -0.20
CA ILE B 157 10.64 18.38 -1.56
C ILE B 157 11.03 19.48 -2.55
N PHE B 158 12.14 19.25 -3.24
CA PHE B 158 12.61 20.17 -4.27
C PHE B 158 12.51 19.50 -5.64
N ILE B 159 11.52 19.94 -6.43
CA ILE B 159 11.35 19.42 -7.80
C ILE B 159 12.11 20.31 -8.77
N ILE B 160 13.14 19.74 -9.41
CA ILE B 160 14.07 20.51 -10.21
C ILE B 160 13.98 20.16 -11.69
N GLN B 161 13.88 21.20 -12.53
CA GLN B 161 13.99 21.05 -13.97
C GLN B 161 15.44 21.34 -14.38
N ALA B 162 16.18 20.29 -14.70
CA ALA B 162 17.59 20.41 -15.06
C ALA B 162 17.76 20.97 -16.47
N CYS B 163 18.81 21.78 -16.65
CA CYS B 163 19.06 22.47 -17.90
C CYS B 163 20.57 22.65 -18.14
N ALA B 194 34.44 28.83 -6.93
CA ALA B 194 33.13 28.22 -7.20
C ALA B 194 33.28 26.90 -7.95
N ALA B 195 33.93 25.94 -7.30
CA ALA B 195 34.22 24.64 -7.90
C ALA B 195 33.19 23.56 -7.54
N SER B 196 32.21 23.93 -6.72
CA SER B 196 31.16 23.00 -6.28
C SER B 196 29.97 22.98 -7.23
N VAL B 197 30.25 22.75 -8.52
CA VAL B 197 29.22 22.73 -9.55
C VAL B 197 28.72 21.32 -9.84
N TYR B 198 27.64 20.93 -9.17
CA TYR B 198 27.04 19.61 -9.35
C TYR B 198 25.53 19.69 -9.13
N THR B 199 24.82 18.62 -9.49
CA THR B 199 23.38 18.55 -9.25
C THR B 199 23.07 17.88 -7.91
N LEU B 200 24.05 17.89 -7.01
CA LEU B 200 23.90 17.24 -5.71
C LEU B 200 24.10 18.20 -4.54
N PRO B 201 23.02 18.51 -3.81
CA PRO B 201 23.06 19.24 -2.55
C PRO B 201 22.96 18.30 -1.35
N ALA B 202 22.69 18.85 -0.17
CA ALA B 202 22.68 18.06 1.07
C ALA B 202 21.45 18.30 1.95
N GLY B 203 21.30 17.48 2.99
CA GLY B 203 20.25 17.67 3.99
C GLY B 203 19.44 16.42 4.31
N ALA B 204 19.04 16.31 5.57
CA ALA B 204 18.20 15.19 6.03
C ALA B 204 16.71 15.52 5.87
N ASP B 205 15.91 14.49 5.60
CA ASP B 205 14.48 14.65 5.28
C ASP B 205 14.27 15.46 3.99
N PHE B 206 15.22 15.34 3.07
CA PHE B 206 15.16 16.04 1.79
C PHE B 206 14.75 15.12 0.66
N LEU B 207 13.91 15.62 -0.24
CA LEU B 207 13.52 14.88 -1.44
C LEU B 207 13.85 15.69 -2.68
N MET B 208 14.85 15.23 -3.42
CA MET B 208 15.32 15.92 -4.62
C MET B 208 14.79 15.22 -5.87
N CYS B 209 13.84 15.86 -6.54
CA CYS B 209 13.23 15.30 -7.74
C CYS B 209 13.84 15.95 -9.00
N TYR B 210 14.40 15.13 -9.87
CA TYR B 210 15.04 15.62 -11.09
C TYR B 210 14.29 15.15 -12.33
N SER B 211 14.17 16.06 -13.31
CA SER B 211 13.54 15.76 -14.59
C SER B 211 14.44 14.85 -15.43
N VAL B 212 15.75 15.06 -15.32
CA VAL B 212 16.73 14.30 -16.09
C VAL B 212 17.84 13.74 -15.20
N ALA B 213 18.20 12.48 -15.43
CA ALA B 213 19.39 11.90 -14.81
C ALA B 213 20.63 12.50 -15.45
N GLU B 214 21.74 12.50 -14.71
CA GLU B 214 22.90 13.37 -15.00
C GLU B 214 23.34 13.53 -16.46
N GLY B 215 23.32 12.43 -17.23
CA GLY B 215 23.85 12.45 -18.59
C GLY B 215 22.81 12.33 -19.70
N TYR B 216 21.54 12.23 -19.32
CA TYR B 216 20.46 11.93 -20.27
C TYR B 216 19.93 13.17 -21.01
N TYR B 217 19.17 12.90 -22.07
CA TYR B 217 18.54 13.95 -22.88
C TYR B 217 17.28 14.47 -22.20
N SER B 218 17.06 15.78 -22.32
CA SER B 218 15.88 16.42 -21.75
C SER B 218 14.94 16.91 -22.84
N HIS B 219 13.64 16.88 -22.54
CA HIS B 219 12.60 17.41 -23.42
C HIS B 219 12.86 18.87 -23.82
N ARG B 220 12.36 19.25 -24.99
CA ARG B 220 12.14 20.66 -25.29
C ARG B 220 10.70 21.00 -24.93
N GLU B 221 10.48 22.21 -24.44
CA GLU B 221 9.17 22.60 -23.93
C GLU B 221 8.19 22.90 -25.06
N THR B 222 7.18 22.05 -25.18
CA THR B 222 6.10 22.26 -26.16
C THR B 222 5.11 23.29 -25.62
N VAL B 223 4.13 23.65 -26.45
CA VAL B 223 3.07 24.59 -26.05
C VAL B 223 2.27 24.08 -24.84
N ASN B 224 2.00 22.79 -24.82
CA ASN B 224 1.26 22.16 -23.71
C ASN B 224 2.10 21.95 -22.46
N GLY B 225 3.41 22.21 -22.55
CA GLY B 225 4.31 22.10 -21.40
C GLY B 225 5.51 21.22 -21.67
N SER B 226 6.01 20.58 -20.61
CA SER B 226 7.15 19.68 -20.72
C SER B 226 6.79 18.27 -20.26
N TRP B 227 7.48 17.28 -20.82
CA TRP B 227 7.23 15.87 -20.55
C TRP B 227 7.17 15.54 -19.05
N TYR B 228 8.19 15.94 -18.32
CA TYR B 228 8.31 15.64 -16.90
C TYR B 228 7.20 16.27 -16.06
N ILE B 229 6.89 17.53 -16.34
CA ILE B 229 5.90 18.29 -15.57
C ILE B 229 4.47 17.84 -15.89
N GLN B 230 4.16 17.68 -17.18
CA GLN B 230 2.86 17.16 -17.60
C GLN B 230 2.53 15.85 -16.90
N ASP B 231 3.51 14.95 -16.84
CA ASP B 231 3.34 13.64 -16.24
C ASP B 231 3.26 13.70 -14.72
N LEU B 232 4.05 14.59 -14.12
CA LEU B 232 4.01 14.83 -12.68
C LEU B 232 2.62 15.31 -12.25
N CYS B 233 2.07 16.27 -12.98
CA CYS B 233 0.75 16.84 -12.68
C CYS B 233 -0.39 15.84 -12.92
N GLU B 234 -0.26 15.01 -13.96
CA GLU B 234 -1.26 13.99 -14.25
C GLU B 234 -1.34 12.95 -13.13
N MET B 235 -0.17 12.56 -12.61
CA MET B 235 -0.10 11.61 -11.50
C MET B 235 -0.53 12.25 -10.18
N LEU B 236 -0.17 13.51 -9.99
CA LEU B 236 -0.59 14.28 -8.80
C LEU B 236 -2.10 14.54 -8.78
N GLY B 237 -2.68 14.66 -9.98
CA GLY B 237 -4.13 14.84 -10.11
C GLY B 237 -4.89 13.54 -9.90
N LYS B 238 -4.27 12.43 -10.26
CA LYS B 238 -4.92 11.12 -10.20
C LYS B 238 -4.65 10.36 -8.91
N TYR B 239 -3.41 10.45 -8.40
CA TYR B 239 -3.00 9.68 -7.23
C TYR B 239 -2.32 10.52 -6.14
N GLY B 240 -2.50 11.84 -6.20
CA GLY B 240 -1.82 12.77 -5.29
C GLY B 240 -2.04 12.49 -3.82
N SER B 241 -3.28 12.18 -3.46
CA SER B 241 -3.64 11.89 -2.07
C SER B 241 -3.76 10.39 -1.81
N SER B 242 -3.61 9.60 -2.87
CA SER B 242 -3.85 8.16 -2.81
C SER B 242 -2.57 7.35 -2.60
N LEU B 243 -1.44 7.90 -3.04
CA LEU B 243 -0.17 7.18 -3.00
C LEU B 243 0.87 7.87 -2.12
N GLU B 244 1.79 7.06 -1.58
CA GLU B 244 3.02 7.58 -0.99
C GLU B 244 3.86 8.21 -2.08
N PHE B 245 4.38 9.41 -1.81
CA PHE B 245 4.96 10.28 -2.84
C PHE B 245 6.10 9.66 -3.65
N THR B 246 6.83 8.73 -3.05
CA THR B 246 7.92 8.03 -3.73
C THR B 246 7.40 7.03 -4.77
N GLU B 247 6.27 6.39 -4.46
CA GLU B 247 5.58 5.52 -5.41
C GLU B 247 4.99 6.36 -6.55
N LEU B 248 4.55 7.57 -6.20
CA LEU B 248 3.99 8.53 -7.16
C LEU B 248 5.05 8.95 -8.18
N LEU B 249 6.27 9.20 -7.71
CA LEU B 249 7.37 9.63 -8.56
C LEU B 249 7.89 8.51 -9.46
N THR B 250 7.75 7.27 -8.98
CA THR B 250 8.12 6.09 -9.75
C THR B 250 7.22 5.93 -10.98
N LEU B 251 5.97 6.36 -10.84
CA LEU B 251 5.03 6.39 -11.96
C LEU B 251 5.42 7.45 -12.98
N VAL B 252 5.92 8.58 -12.49
CA VAL B 252 6.44 9.65 -13.35
C VAL B 252 7.72 9.18 -14.04
N ASN B 253 8.53 8.41 -13.33
CA ASN B 253 9.74 7.80 -13.89
C ASN B 253 9.45 6.89 -15.09
N ARG B 254 8.41 6.07 -14.94
CA ARG B 254 8.01 5.14 -16.00
C ARG B 254 7.36 5.87 -17.18
N LYS B 255 6.38 6.71 -16.87
CA LYS B 255 5.62 7.43 -17.90
C LYS B 255 6.50 8.27 -18.83
N VAL B 256 7.49 8.95 -18.26
CA VAL B 256 8.38 9.81 -19.05
C VAL B 256 9.36 8.99 -19.90
N SER B 257 9.89 7.91 -19.32
CA SER B 257 10.86 7.05 -20.01
C SER B 257 10.23 6.20 -21.11
N GLN B 258 8.98 5.78 -20.88
CA GLN B 258 8.22 5.05 -21.90
C GLN B 258 7.79 5.96 -23.04
N ARG B 259 7.62 7.25 -22.72
CA ARG B 259 7.24 8.26 -23.70
C ARG B 259 8.43 8.67 -24.57
N ARG B 260 9.20 7.69 -25.02
CA ARG B 260 10.31 7.94 -25.94
C ARG B 260 9.77 8.16 -27.36
N VAL B 261 9.40 9.41 -27.65
CA VAL B 261 8.74 9.75 -28.91
C VAL B 261 9.65 10.60 -29.80
N ASP B 262 9.40 10.54 -31.11
CA ASP B 262 10.17 11.28 -32.10
C ASP B 262 9.28 11.65 -33.29
N PRO B 267 11.47 15.93 -34.99
CA PRO B 267 11.92 17.19 -34.40
C PRO B 267 13.24 17.02 -33.63
N SER B 268 14.34 16.87 -34.38
CA SER B 268 15.68 16.69 -33.82
C SER B 268 15.73 15.58 -32.77
N ALA B 269 15.20 14.42 -33.13
CA ALA B 269 15.20 13.26 -32.25
C ALA B 269 16.54 12.53 -32.32
N ILE B 270 16.74 11.55 -31.44
CA ILE B 270 17.96 10.73 -31.47
C ILE B 270 17.71 9.27 -31.94
N GLY B 271 16.75 8.55 -31.36
CA GLY B 271 15.90 9.03 -30.27
C GLY B 271 16.43 8.60 -28.91
N LYS B 272 16.71 9.59 -28.07
CA LYS B 272 17.18 9.34 -26.72
C LYS B 272 16.04 9.52 -25.73
N LYS B 273 16.02 8.69 -24.69
CA LYS B 273 14.95 8.70 -23.71
C LYS B 273 15.31 9.58 -22.52
N GLN B 274 14.31 10.27 -21.98
CA GLN B 274 14.49 11.07 -20.78
C GLN B 274 14.24 10.22 -19.54
N VAL B 275 15.27 10.06 -18.72
CA VAL B 275 15.18 9.25 -17.51
C VAL B 275 15.20 10.15 -16.27
N PRO B 276 14.05 10.27 -15.59
CA PRO B 276 13.98 11.02 -14.34
C PRO B 276 14.61 10.27 -13.17
N CYS B 277 14.96 11.00 -12.12
CA CYS B 277 15.56 10.41 -10.93
C CYS B 277 15.21 11.23 -9.70
N PHE B 278 14.75 10.56 -8.65
CA PHE B 278 14.55 11.22 -7.36
C PHE B 278 15.51 10.71 -6.29
N ALA B 279 16.25 11.64 -5.69
CA ALA B 279 17.18 11.33 -4.61
C ALA B 279 16.49 11.54 -3.27
N SER B 280 16.34 10.44 -2.52
CA SER B 280 15.56 10.46 -1.29
C SER B 280 16.42 10.38 -0.03
N MET B 281 16.28 11.38 0.83
CA MET B 281 16.91 11.39 2.14
C MET B 281 15.85 11.40 3.23
N LEU B 282 14.63 11.01 2.85
CA LEU B 282 13.49 10.97 3.76
C LEU B 282 13.61 9.81 4.74
N THR B 283 13.08 10.01 5.95
CA THR B 283 13.18 9.02 7.02
C THR B 283 11.89 8.24 7.20
N LYS B 284 10.78 8.79 6.69
CA LYS B 284 9.47 8.19 6.85
C LYS B 284 8.70 8.14 5.53
N LYS B 285 7.53 7.49 5.56
CA LYS B 285 6.62 7.51 4.42
C LYS B 285 5.97 8.87 4.26
N LEU B 286 5.82 9.32 3.03
CA LEU B 286 5.21 10.60 2.75
C LEU B 286 3.88 10.45 2.03
N HIS B 287 2.81 10.88 2.69
CA HIS B 287 1.46 10.75 2.16
C HIS B 287 0.72 12.07 2.28
N PHE B 288 0.15 12.52 1.16
CA PHE B 288 -0.60 13.77 1.15
C PHE B 288 -2.11 13.52 1.28
N PHE B 289 -2.50 12.80 2.34
CA PHE B 289 -3.92 12.58 2.66
C PHE B 289 -4.66 13.92 2.73
N PRO B 290 -5.94 13.93 2.27
CA PRO B 290 -6.74 15.15 2.32
C PRO B 290 -6.90 15.71 3.74
N LYS B 291 -6.93 17.03 3.85
CA LYS B 291 -6.87 17.72 5.13
C LYS B 291 -8.25 18.24 5.57
N SER B 292 -8.23 19.19 6.51
CA SER B 292 -9.42 19.97 6.90
C SER B 292 -10.54 19.13 7.51
N GLU C 29 3.83 -9.35 -14.17
CA GLU C 29 3.80 -10.65 -13.44
C GLU C 29 2.43 -11.32 -13.57
N MET C 30 2.44 -12.64 -13.65
CA MET C 30 1.22 -13.43 -13.84
C MET C 30 0.32 -13.40 -12.61
N PHE C 31 0.91 -13.63 -11.44
CA PHE C 31 0.19 -13.55 -10.17
C PHE C 31 -0.13 -12.10 -9.84
N ASP C 32 -1.41 -11.74 -10.00
CA ASP C 32 -1.85 -10.36 -9.78
C ASP C 32 -1.96 -10.05 -8.29
N PRO C 33 -0.94 -9.36 -7.74
CA PRO C 33 -0.80 -9.19 -6.30
C PRO C 33 -1.66 -8.05 -5.73
N ALA C 34 -1.75 -6.95 -6.47
CA ALA C 34 -2.54 -5.80 -6.06
C ALA C 34 -3.58 -5.45 -7.12
N GLU C 35 -4.12 -6.49 -7.77
CA GLU C 35 -5.07 -6.31 -8.87
C GLU C 35 -6.33 -5.58 -8.42
N LYS C 36 -6.67 -4.52 -9.13
CA LYS C 36 -7.89 -3.77 -8.86
C LYS C 36 -8.93 -3.96 -9.96
N TYR C 37 -10.19 -3.69 -9.62
CA TYR C 37 -11.25 -3.62 -10.62
C TYR C 37 -10.99 -2.42 -11.52
N LYS C 38 -11.22 -2.61 -12.82
CA LYS C 38 -11.07 -1.54 -13.79
C LYS C 38 -11.99 -0.37 -13.44
N MET C 39 -11.44 0.84 -13.51
CA MET C 39 -12.19 2.05 -13.18
C MET C 39 -12.12 3.07 -14.33
N ASP C 40 -12.10 2.57 -15.55
CA ASP C 40 -11.91 3.41 -16.74
C ASP C 40 -13.15 3.50 -17.63
N HIS C 41 -14.21 2.79 -17.26
CA HIS C 41 -15.46 2.78 -18.05
C HIS C 41 -16.09 4.17 -18.07
N ARG C 42 -16.99 4.38 -19.04
CA ARG C 42 -17.62 5.69 -19.27
C ARG C 42 -18.20 6.30 -17.99
N ARG C 43 -19.22 5.66 -17.43
CA ARG C 43 -19.86 6.14 -16.21
C ARG C 43 -19.51 5.24 -15.02
N ARG C 44 -19.47 5.82 -13.83
CA ARG C 44 -19.16 5.08 -12.62
C ARG C 44 -20.27 4.11 -12.23
N GLY C 45 -21.52 4.54 -12.43
CA GLY C 45 -22.68 3.70 -12.16
C GLY C 45 -23.80 4.46 -11.48
N ILE C 46 -24.63 3.71 -10.76
CA ILE C 46 -25.80 4.29 -10.09
C ILE C 46 -25.66 4.18 -8.57
N ALA C 47 -25.89 5.29 -7.88
CA ALA C 47 -26.08 5.27 -6.44
C ALA C 47 -27.57 5.15 -6.13
N LEU C 48 -27.97 4.00 -5.59
CA LEU C 48 -29.36 3.71 -5.36
C LEU C 48 -29.72 3.81 -3.88
N ILE C 49 -30.31 4.94 -3.49
CA ILE C 49 -30.72 5.15 -2.11
C ILE C 49 -32.16 4.66 -1.90
N PHE C 50 -32.32 3.70 -0.99
CA PHE C 50 -33.62 3.11 -0.69
C PHE C 50 -33.94 3.32 0.79
N ASN C 51 -34.86 4.23 1.07
CA ASN C 51 -35.30 4.48 2.44
C ASN C 51 -36.56 3.71 2.80
N HIS C 52 -36.46 2.87 3.82
CA HIS C 52 -37.56 2.02 4.26
C HIS C 52 -38.59 2.84 5.04
N GLU C 53 -39.71 3.12 4.39
CA GLU C 53 -40.77 3.97 4.97
C GLU C 53 -42.12 3.26 5.04
N ARG C 54 -42.08 1.93 5.03
CA ARG C 54 -43.29 1.12 5.08
C ARG C 54 -43.54 0.52 6.44
N PHE C 55 -44.80 0.55 6.88
CA PHE C 55 -45.24 -0.06 8.15
C PHE C 55 -44.55 0.55 9.37
N PHE C 56 -44.05 1.78 9.19
CA PHE C 56 -43.51 2.56 10.29
C PHE C 56 -44.51 3.63 10.70
N TRP C 57 -45.49 3.22 11.51
CA TRP C 57 -46.60 4.09 11.89
C TRP C 57 -46.17 5.12 12.93
N HIS C 58 -46.71 6.33 12.81
CA HIS C 58 -46.42 7.45 13.70
C HIS C 58 -44.92 7.64 13.96
N LEU C 59 -44.19 7.81 12.86
CA LEU C 59 -42.77 8.14 12.88
C LEU C 59 -42.55 9.53 13.48
N THR C 60 -41.60 9.64 14.40
CA THR C 60 -41.26 10.93 15.02
C THR C 60 -40.45 11.81 14.06
N LEU C 61 -40.48 13.12 14.32
CA LEU C 61 -39.80 14.10 13.46
C LEU C 61 -38.27 14.01 13.49
N PRO C 62 -37.67 13.71 14.68
CA PRO C 62 -36.22 13.46 14.74
C PRO C 62 -35.76 12.31 13.83
N GLU C 63 -36.68 11.43 13.47
CA GLU C 63 -36.40 10.35 12.53
C GLU C 63 -36.81 10.76 11.11
N ARG C 64 -37.78 11.66 11.02
CA ARG C 64 -38.34 12.12 9.74
C ARG C 64 -37.29 12.78 8.84
N ARG C 65 -36.55 13.74 9.40
CA ARG C 65 -35.57 14.50 8.61
C ARG C 65 -34.32 15.00 9.39
N GLY C 66 -33.80 14.29 10.40
CA GLY C 66 -33.75 12.85 10.53
C GLY C 66 -33.00 12.14 9.42
N THR C 67 -33.78 11.42 8.63
CA THR C 67 -33.29 10.57 7.57
C THR C 67 -32.91 11.40 6.35
N CYS C 68 -33.59 12.54 6.18
CA CYS C 68 -33.27 13.47 5.09
C CYS C 68 -31.79 13.84 5.10
N ALA C 69 -31.27 14.16 6.28
CA ALA C 69 -29.88 14.56 6.43
C ALA C 69 -28.89 13.43 6.13
N ASP C 70 -29.38 12.19 6.16
CA ASP C 70 -28.60 11.04 5.71
C ASP C 70 -28.73 10.83 4.21
N ARG C 71 -29.95 11.01 3.71
CA ARG C 71 -30.22 10.85 2.28
C ARG C 71 -29.57 11.98 1.48
N ASP C 72 -29.68 13.21 1.98
CA ASP C 72 -29.10 14.38 1.30
C ASP C 72 -27.59 14.52 1.56
N ASN C 73 -27.09 13.75 2.52
CA ASN C 73 -25.66 13.67 2.79
C ASN C 73 -25.00 12.60 1.93
N LEU C 74 -25.66 11.44 1.82
CA LEU C 74 -25.16 10.33 1.01
C LEU C 74 -25.39 10.52 -0.48
N THR C 75 -26.44 11.26 -0.85
CA THR C 75 -26.68 11.60 -2.25
C THR C 75 -25.69 12.65 -2.77
N ARG C 76 -24.99 13.31 -1.84
CA ARG C 76 -23.92 14.25 -2.22
C ARG C 76 -22.57 13.57 -2.39
N ARG C 77 -22.23 12.68 -1.45
CA ARG C 77 -20.90 12.08 -1.40
C ARG C 77 -20.61 11.14 -2.57
N PHE C 78 -21.61 10.34 -2.96
CA PHE C 78 -21.48 9.45 -4.11
C PHE C 78 -21.51 10.22 -5.42
N SER C 79 -22.31 11.29 -5.47
CA SER C 79 -22.34 12.19 -6.62
C SER C 79 -21.02 12.94 -6.76
N ASP C 80 -20.36 13.16 -5.63
CA ASP C 80 -19.00 13.71 -5.61
C ASP C 80 -17.98 12.68 -6.11
N LEU C 81 -18.35 11.41 -6.04
CA LEU C 81 -17.50 10.32 -6.54
C LEU C 81 -17.81 9.96 -7.99
N GLY C 82 -18.86 10.57 -8.55
CA GLY C 82 -19.23 10.36 -9.94
C GLY C 82 -20.39 9.39 -10.13
N PHE C 83 -21.09 9.09 -9.04
CA PHE C 83 -22.27 8.24 -9.09
C PHE C 83 -23.52 9.05 -9.44
N GLU C 84 -24.46 8.40 -10.14
CA GLU C 84 -25.78 8.97 -10.37
C GLU C 84 -26.73 8.52 -9.27
N VAL C 85 -27.14 9.45 -8.42
CA VAL C 85 -27.96 9.12 -7.27
C VAL C 85 -29.45 9.11 -7.61
N LYS C 86 -30.07 7.95 -7.41
CA LYS C 86 -31.51 7.80 -7.56
C LYS C 86 -32.16 7.47 -6.22
N CYS C 87 -33.00 8.40 -5.74
CA CYS C 87 -33.70 8.23 -4.47
C CYS C 87 -35.17 7.95 -4.70
N PHE C 88 -35.62 6.80 -4.22
CA PHE C 88 -37.02 6.40 -4.32
C PHE C 88 -37.43 5.61 -3.08
N ASN C 89 -38.65 5.82 -2.61
CA ASN C 89 -39.13 5.16 -1.40
C ASN C 89 -40.13 4.06 -1.66
N ASP C 90 -40.26 3.15 -0.70
CA ASP C 90 -41.20 2.03 -0.79
C ASP C 90 -42.63 2.47 -0.46
N LEU C 91 -42.75 3.65 0.16
CA LEU C 91 -44.06 4.24 0.49
C LEU C 91 -44.90 4.47 -0.77
N LYS C 92 -44.24 4.89 -1.84
CA LYS C 92 -44.90 5.09 -3.13
C LYS C 92 -45.19 3.74 -3.80
N GLU C 95 -46.07 -0.06 -7.39
CA GLU C 95 -45.72 1.26 -7.90
C GLU C 95 -44.26 1.61 -7.59
N LEU C 96 -43.85 1.37 -6.35
CA LEU C 96 -42.43 1.46 -5.97
C LEU C 96 -41.70 0.22 -6.44
N LEU C 97 -42.47 -0.81 -6.79
CA LEU C 97 -41.92 -2.10 -7.19
C LEU C 97 -41.63 -2.20 -8.69
N LEU C 98 -42.14 -1.25 -9.47
CA LEU C 98 -42.06 -1.36 -10.93
C LEU C 98 -40.95 -0.51 -11.58
N LYS C 99 -40.47 0.49 -10.87
CA LYS C 99 -39.26 1.20 -11.27
C LYS C 99 -38.02 0.45 -10.74
N ILE C 100 -38.28 -0.61 -9.99
CA ILE C 100 -37.22 -1.46 -9.44
C ILE C 100 -36.63 -2.39 -10.51
N HIS C 101 -37.48 -2.85 -11.41
CA HIS C 101 -37.06 -3.67 -12.54
C HIS C 101 -36.38 -2.81 -13.60
N GLU C 102 -36.63 -1.50 -13.54
CA GLU C 102 -36.01 -0.55 -14.48
C GLU C 102 -34.59 -0.16 -14.04
N VAL C 103 -34.21 -0.56 -12.83
CA VAL C 103 -32.85 -0.31 -12.33
C VAL C 103 -31.90 -1.44 -12.72
N SER C 104 -32.36 -2.67 -12.53
CA SER C 104 -31.57 -3.86 -12.88
C SER C 104 -31.49 -4.07 -14.39
N THR C 105 -32.53 -3.61 -15.09
CA THR C 105 -32.65 -3.84 -16.53
C THR C 105 -31.69 -2.99 -17.37
N VAL C 106 -31.23 -1.87 -16.82
CA VAL C 106 -30.34 -0.94 -17.54
C VAL C 106 -28.96 -1.56 -17.77
N SER C 107 -28.29 -1.12 -18.84
CA SER C 107 -26.97 -1.63 -19.21
C SER C 107 -25.87 -1.05 -18.32
N HIS C 108 -25.05 -1.93 -17.76
CA HIS C 108 -23.90 -1.53 -16.95
C HIS C 108 -22.59 -1.86 -17.68
N ALA C 109 -22.70 -2.26 -18.94
CA ALA C 109 -21.53 -2.59 -19.76
C ALA C 109 -20.59 -1.41 -19.93
N ASP C 110 -21.13 -0.20 -19.73
CA ASP C 110 -20.35 1.03 -19.78
C ASP C 110 -20.19 1.66 -18.39
N ALA C 111 -20.69 0.94 -17.37
CA ALA C 111 -20.63 1.41 -15.98
C ALA C 111 -19.66 0.57 -15.15
N ASP C 112 -19.02 1.21 -14.17
CA ASP C 112 -18.03 0.55 -13.32
C ASP C 112 -18.66 -0.37 -12.27
N CYS C 113 -19.53 0.19 -11.44
CA CYS C 113 -20.05 -0.52 -10.28
C CYS C 113 -21.55 -0.32 -10.12
N PHE C 114 -22.14 -1.08 -9.19
CA PHE C 114 -23.47 -0.79 -8.69
C PHE C 114 -23.42 -0.50 -7.19
N VAL C 115 -23.93 0.66 -6.81
CA VAL C 115 -24.03 1.02 -5.40
C VAL C 115 -25.49 1.18 -4.99
N CYS C 116 -25.88 0.45 -3.95
CA CYS C 116 -27.22 0.54 -3.40
C CYS C 116 -27.16 0.68 -1.88
N VAL C 117 -27.46 1.88 -1.39
CA VAL C 117 -27.48 2.15 0.04
C VAL C 117 -28.90 2.00 0.58
N PHE C 118 -29.03 1.18 1.62
CA PHE C 118 -30.32 0.85 2.21
C PHE C 118 -30.48 1.59 3.53
N LEU C 119 -31.51 2.44 3.61
CA LEU C 119 -31.76 3.24 4.81
C LEU C 119 -33.05 2.83 5.52
N SER C 120 -33.02 2.88 6.85
CA SER C 120 -34.18 2.54 7.67
C SER C 120 -34.13 3.29 9.01
N HIS C 121 -35.27 3.34 9.70
CA HIS C 121 -35.34 3.98 11.01
C HIS C 121 -35.20 2.98 12.15
N GLY C 122 -34.76 3.46 13.31
CA GLY C 122 -34.39 2.61 14.44
C GLY C 122 -35.53 1.82 15.05
N GLU C 123 -36.39 2.50 15.80
CA GLU C 123 -37.45 1.84 16.56
C GLU C 123 -38.68 1.55 15.70
N GLY C 124 -38.76 0.34 15.16
CA GLY C 124 -39.90 -0.09 14.39
C GLY C 124 -40.53 -1.36 14.92
N ASN C 125 -41.79 -1.59 14.58
CA ASN C 125 -42.48 -2.83 14.93
C ASN C 125 -41.93 -4.02 14.15
N HIS C 126 -42.29 -5.24 14.58
CA HIS C 126 -41.74 -6.47 14.00
C HIS C 126 -42.00 -6.62 12.49
N ILE C 127 -43.08 -5.98 12.02
CA ILE C 127 -43.41 -5.99 10.59
C ILE C 127 -42.43 -5.13 9.78
N TYR C 128 -42.04 -3.99 10.34
CA TYR C 128 -41.02 -3.13 9.74
C TYR C 128 -39.67 -3.84 9.67
N ALA C 129 -39.36 -4.62 10.71
CA ALA C 129 -38.13 -5.40 10.74
C ALA C 129 -38.16 -6.56 9.75
N TYR C 130 -39.33 -7.19 9.62
CA TYR C 130 -39.51 -8.34 8.75
C TYR C 130 -39.52 -7.95 7.26
N ASP C 131 -40.15 -6.81 6.96
CA ASP C 131 -40.26 -6.31 5.59
C ASP C 131 -38.89 -5.90 5.02
N ALA C 132 -38.05 -5.30 5.86
CA ALA C 132 -36.71 -4.87 5.46
C ALA C 132 -35.85 -6.06 5.02
N LYS C 133 -35.94 -7.15 5.76
CA LYS C 133 -35.18 -8.38 5.45
C LYS C 133 -35.52 -8.93 4.07
N ILE C 134 -36.80 -8.90 3.72
CA ILE C 134 -37.27 -9.38 2.42
C ILE C 134 -36.94 -8.40 1.30
N GLU C 135 -36.87 -7.11 1.63
CA GLU C 135 -36.48 -6.08 0.67
C GLU C 135 -35.00 -6.17 0.30
N ILE C 136 -34.19 -6.64 1.24
CA ILE C 136 -32.76 -6.87 1.02
C ILE C 136 -32.53 -8.16 0.22
N GLN C 137 -33.47 -9.10 0.34
CA GLN C 137 -33.46 -10.33 -0.45
C GLN C 137 -33.62 -10.02 -1.95
N THR C 138 -34.64 -9.24 -2.27
CA THR C 138 -34.98 -8.94 -3.66
C THR C 138 -33.98 -7.99 -4.32
N LEU C 139 -33.50 -7.00 -3.58
CA LEU C 139 -32.45 -6.09 -4.07
C LEU C 139 -31.14 -6.84 -4.31
N THR C 140 -30.75 -7.66 -3.34
CA THR C 140 -29.51 -8.44 -3.43
C THR C 140 -29.61 -9.58 -4.44
N GLY C 141 -30.78 -10.22 -4.50
CA GLY C 141 -31.02 -11.32 -5.43
C GLY C 141 -31.25 -10.85 -6.86
N LEU C 142 -31.65 -9.58 -7.00
CA LEU C 142 -31.89 -8.96 -8.31
C LEU C 142 -30.56 -8.74 -9.05
N PHE C 143 -29.52 -8.43 -8.29
CA PHE C 143 -28.22 -8.05 -8.86
C PHE C 143 -27.15 -9.13 -8.70
N LYS C 144 -27.59 -10.35 -8.41
CA LYS C 144 -26.71 -11.51 -8.48
C LYS C 144 -26.28 -11.70 -9.92
N GLY C 145 -24.97 -11.83 -10.15
CA GLY C 145 -24.38 -11.87 -11.50
C GLY C 145 -25.09 -12.76 -12.50
N ASP C 146 -25.56 -13.91 -12.02
CA ASP C 146 -26.32 -14.86 -12.84
C ASP C 146 -27.66 -14.30 -13.33
N LYS C 147 -28.21 -13.33 -12.60
CA LYS C 147 -29.47 -12.68 -12.99
C LYS C 147 -29.23 -11.37 -13.74
N CYS C 148 -28.29 -10.56 -13.24
CA CYS C 148 -27.89 -9.33 -13.92
C CYS C 148 -26.52 -9.52 -14.57
N HIS C 149 -26.52 -9.67 -15.90
CA HIS C 149 -25.31 -10.05 -16.63
C HIS C 149 -24.45 -8.86 -17.04
N SER C 150 -25.03 -7.65 -17.00
CA SER C 150 -24.30 -6.43 -17.35
C SER C 150 -23.35 -5.98 -16.23
N LEU C 151 -23.58 -6.48 -15.03
CA LEU C 151 -22.74 -6.16 -13.87
C LEU C 151 -21.79 -7.29 -13.47
N VAL C 152 -21.74 -8.34 -14.28
CA VAL C 152 -20.86 -9.48 -14.04
C VAL C 152 -19.39 -9.05 -14.05
N GLY C 153 -18.66 -9.42 -12.99
CA GLY C 153 -17.26 -9.05 -12.87
C GLY C 153 -17.05 -7.64 -12.31
N LYS C 154 -18.16 -6.92 -12.14
CA LYS C 154 -18.12 -5.54 -11.69
C LYS C 154 -18.69 -5.42 -10.28
N PRO C 155 -17.92 -4.82 -9.35
CA PRO C 155 -18.22 -4.79 -7.92
C PRO C 155 -19.62 -4.23 -7.59
N LYS C 156 -20.36 -4.97 -6.76
CA LYS C 156 -21.66 -4.53 -6.28
C LYS C 156 -21.60 -4.26 -4.78
N ILE C 157 -21.62 -2.98 -4.41
CA ILE C 157 -21.54 -2.58 -3.01
C ILE C 157 -22.92 -2.27 -2.44
N PHE C 158 -23.38 -3.13 -1.54
CA PHE C 158 -24.65 -2.92 -0.84
C PHE C 158 -24.39 -2.43 0.58
N ILE C 159 -24.71 -1.16 0.83
CA ILE C 159 -24.59 -0.59 2.17
C ILE C 159 -25.92 -0.70 2.91
N ILE C 160 -25.97 -1.61 3.88
CA ILE C 160 -27.18 -1.94 4.60
C ILE C 160 -27.25 -1.20 5.94
N GLN C 161 -28.42 -0.64 6.24
CA GLN C 161 -28.69 -0.11 7.57
C GLN C 161 -29.79 -0.94 8.24
N ALA C 162 -29.39 -1.82 9.15
CA ALA C 162 -30.29 -2.82 9.72
C ALA C 162 -30.94 -2.36 11.02
N CYS C 163 -32.11 -2.94 11.32
CA CYS C 163 -32.85 -2.62 12.54
C CYS C 163 -33.10 -3.87 13.37
N SER C 196 -35.51 -18.15 5.91
CA SER C 196 -34.18 -17.61 5.64
C SER C 196 -33.98 -16.23 6.27
N VAL C 197 -34.28 -16.13 7.57
CA VAL C 197 -34.11 -14.89 8.32
C VAL C 197 -32.67 -14.75 8.81
N TYR C 198 -31.81 -14.20 7.96
CA TYR C 198 -30.40 -14.04 8.27
C TYR C 198 -29.86 -12.69 7.79
N THR C 199 -28.72 -12.28 8.36
CA THR C 199 -28.08 -11.01 8.02
C THR C 199 -27.28 -11.07 6.71
N LEU C 200 -26.75 -12.25 6.38
CA LEU C 200 -25.83 -12.39 5.24
C LEU C 200 -26.46 -13.09 4.03
N PRO C 201 -26.19 -12.57 2.82
CA PRO C 201 -26.52 -13.21 1.55
C PRO C 201 -25.28 -13.57 0.71
N ALA C 202 -25.49 -13.95 -0.54
CA ALA C 202 -24.41 -14.46 -1.40
C ALA C 202 -24.14 -13.58 -2.63
N GLY C 203 -23.04 -13.87 -3.32
CA GLY C 203 -22.72 -13.23 -4.59
C GLY C 203 -21.26 -12.85 -4.73
N ALA C 204 -20.71 -13.02 -5.94
CA ALA C 204 -19.34 -12.62 -6.25
C ALA C 204 -19.27 -11.13 -6.58
N ASP C 205 -18.14 -10.52 -6.26
CA ASP C 205 -17.95 -9.06 -6.38
C ASP C 205 -19.02 -8.31 -5.59
N PHE C 206 -19.42 -8.87 -4.45
CA PHE C 206 -20.44 -8.30 -3.58
C PHE C 206 -19.83 -7.77 -2.30
N LEU C 207 -20.24 -6.57 -1.92
CA LEU C 207 -19.79 -5.96 -0.66
C LEU C 207 -20.99 -5.57 0.21
N MET C 208 -21.17 -6.29 1.31
CA MET C 208 -22.29 -6.05 2.22
C MET C 208 -21.85 -5.22 3.42
N CYS C 209 -22.14 -3.93 3.37
CA CYS C 209 -21.76 -3.00 4.44
C CYS C 209 -22.88 -2.82 5.44
N TYR C 210 -22.73 -3.40 6.63
CA TYR C 210 -23.76 -3.34 7.66
C TYR C 210 -23.51 -2.20 8.64
N SER C 211 -24.59 -1.50 8.99
CA SER C 211 -24.53 -0.42 9.97
C SER C 211 -24.03 -0.93 11.32
N VAL C 212 -24.45 -2.14 11.67
CA VAL C 212 -24.03 -2.80 12.89
C VAL C 212 -24.25 -4.31 12.75
N ALA C 213 -23.33 -5.10 13.33
CA ALA C 213 -23.37 -6.56 13.23
C ALA C 213 -24.51 -7.17 14.05
N GLU C 214 -24.55 -8.50 14.15
CA GLU C 214 -25.50 -9.19 15.03
C GLU C 214 -25.01 -9.13 16.48
N GLY C 215 -25.92 -9.33 17.42
CA GLY C 215 -25.64 -9.05 18.84
C GLY C 215 -25.47 -7.55 19.00
N TYR C 216 -26.18 -6.81 18.17
CA TYR C 216 -25.96 -5.40 17.97
C TYR C 216 -26.94 -4.55 18.76
N TYR C 217 -26.57 -3.29 18.94
CA TYR C 217 -27.47 -2.30 19.51
C TYR C 217 -27.39 -1.03 18.65
N SER C 218 -28.48 -0.76 17.94
CA SER C 218 -28.49 0.27 16.90
C SER C 218 -28.67 1.67 17.46
N HIS C 219 -28.11 2.64 16.74
CA HIS C 219 -28.27 4.05 17.04
C HIS C 219 -29.70 4.53 16.76
N ARG C 220 -30.04 5.68 17.34
CA ARG C 220 -31.29 6.35 17.05
C ARG C 220 -31.02 7.63 16.27
N GLU C 221 -31.74 7.81 15.16
CA GLU C 221 -31.56 8.98 14.30
C GLU C 221 -31.97 10.27 14.99
N THR C 222 -31.08 11.25 14.94
CA THR C 222 -31.35 12.59 15.45
C THR C 222 -31.17 13.60 14.32
N VAL C 223 -31.22 14.89 14.64
CA VAL C 223 -31.12 15.94 13.62
C VAL C 223 -29.66 16.43 13.58
N ASN C 224 -28.69 15.57 13.22
CA ASN C 224 -28.41 15.16 11.84
C ASN C 224 -28.92 13.83 11.31
N GLY C 225 -28.41 12.73 11.85
CA GLY C 225 -28.78 11.40 11.37
C GLY C 225 -28.19 10.27 12.18
N SER C 226 -27.83 9.20 11.50
CA SER C 226 -27.31 8.01 12.15
C SER C 226 -25.78 7.96 12.06
N TRP C 227 -25.14 7.66 13.20
CA TRP C 227 -23.68 7.68 13.32
C TRP C 227 -22.94 6.95 12.20
N TYR C 228 -23.50 5.82 11.77
CA TYR C 228 -22.91 5.03 10.70
C TYR C 228 -22.88 5.81 9.38
N ILE C 229 -24.04 6.34 8.99
CA ILE C 229 -24.15 7.16 7.77
C ILE C 229 -23.40 8.48 7.94
N GLN C 230 -23.49 9.06 9.14
CA GLN C 230 -22.74 10.28 9.48
C GLN C 230 -21.26 10.14 9.15
N ASP C 231 -20.63 9.13 9.73
CA ASP C 231 -19.18 8.93 9.59
C ASP C 231 -18.80 8.28 8.26
N LEU C 232 -19.73 7.51 7.68
CA LEU C 232 -19.56 6.92 6.35
C LEU C 232 -19.36 8.04 5.30
N CYS C 233 -20.30 8.98 5.27
CA CYS C 233 -20.22 10.15 4.40
C CYS C 233 -18.96 10.97 4.68
N GLU C 234 -18.62 11.09 5.96
CA GLU C 234 -17.44 11.83 6.40
C GLU C 234 -16.15 11.23 5.82
N MET C 235 -16.08 9.90 5.80
CA MET C 235 -14.94 9.20 5.23
C MET C 235 -14.85 9.33 3.71
N LEU C 236 -16.02 9.40 3.06
CA LEU C 236 -16.09 9.55 1.61
C LEU C 236 -15.58 10.90 1.13
N GLY C 237 -15.70 11.91 1.98
CA GLY C 237 -15.17 13.24 1.67
C GLY C 237 -13.67 13.33 1.92
N LYS C 238 -13.22 12.67 2.98
CA LYS C 238 -11.83 12.74 3.40
C LYS C 238 -10.92 11.71 2.71
N TYR C 239 -11.42 10.51 2.50
CA TYR C 239 -10.60 9.41 1.97
C TYR C 239 -11.29 8.55 0.90
N GLY C 240 -12.40 9.06 0.35
CA GLY C 240 -13.20 8.31 -0.63
C GLY C 240 -12.46 7.99 -1.91
N SER C 241 -11.75 8.98 -2.46
CA SER C 241 -11.00 8.81 -3.69
C SER C 241 -9.54 8.43 -3.42
N SER C 242 -9.14 8.48 -2.16
CA SER C 242 -7.74 8.32 -1.77
C SER C 242 -7.41 6.93 -1.26
N LEU C 243 -8.42 6.23 -0.73
CA LEU C 243 -8.20 4.93 -0.13
C LEU C 243 -8.99 3.81 -0.81
N GLU C 244 -8.48 2.58 -0.71
CA GLU C 244 -9.22 1.40 -1.13
C GLU C 244 -10.47 1.29 -0.27
N PHE C 245 -11.59 0.90 -0.88
CA PHE C 245 -12.90 1.02 -0.23
C PHE C 245 -13.08 0.18 1.04
N THR C 246 -12.40 -0.97 1.09
CA THR C 246 -12.40 -1.81 2.30
C THR C 246 -11.63 -1.15 3.44
N GLU C 247 -10.57 -0.42 3.09
CA GLU C 247 -9.78 0.34 4.05
C GLU C 247 -10.58 1.51 4.60
N LEU C 248 -11.46 2.06 3.76
CA LEU C 248 -12.35 3.16 4.16
C LEU C 248 -13.38 2.71 5.19
N LEU C 249 -13.94 1.52 4.98
CA LEU C 249 -14.95 0.96 5.88
C LEU C 249 -14.33 0.59 7.23
N THR C 250 -13.07 0.16 7.20
CA THR C 250 -12.31 -0.13 8.42
C THR C 250 -12.18 1.13 9.29
N LEU C 251 -12.05 2.28 8.64
CA LEU C 251 -12.03 3.57 9.33
C LEU C 251 -13.40 3.92 9.91
N VAL C 252 -14.46 3.59 9.17
CA VAL C 252 -15.83 3.75 9.65
C VAL C 252 -16.08 2.84 10.85
N ASN C 253 -15.58 1.60 10.77
CA ASN C 253 -15.70 0.63 11.85
C ASN C 253 -15.05 1.10 13.16
N ARG C 254 -13.95 1.83 13.04
CA ARG C 254 -13.26 2.38 14.21
C ARG C 254 -13.92 3.67 14.69
N LYS C 255 -14.28 4.54 13.74
CA LYS C 255 -14.86 5.85 14.06
C LYS C 255 -16.19 5.73 14.79
N VAL C 256 -17.10 4.92 14.25
CA VAL C 256 -18.45 4.77 14.80
C VAL C 256 -18.43 4.10 16.19
N SER C 257 -17.54 3.11 16.36
CA SER C 257 -17.40 2.41 17.64
C SER C 257 -16.78 3.31 18.72
N GLN C 258 -15.84 4.16 18.31
CA GLN C 258 -15.19 5.09 19.23
C GLN C 258 -16.06 6.31 19.54
N ARG C 259 -16.95 6.66 18.61
CA ARG C 259 -17.95 7.70 18.86
C ARG C 259 -19.08 7.15 19.73
N ARG C 260 -18.71 6.51 20.83
CA ARG C 260 -19.66 5.88 21.74
C ARG C 260 -20.08 6.83 22.85
N VAL C 261 -20.74 7.92 22.48
CA VAL C 261 -21.25 8.89 23.42
C VAL C 261 -22.53 8.40 24.07
N LYS C 272 -22.58 0.77 25.52
CA LYS C 272 -21.71 -0.15 24.80
C LYS C 272 -21.16 0.48 23.51
N LYS C 273 -20.29 -0.25 22.82
CA LYS C 273 -19.71 0.22 21.56
C LYS C 273 -20.36 -0.45 20.36
N GLN C 274 -20.90 0.37 19.45
CA GLN C 274 -21.52 -0.12 18.23
C GLN C 274 -20.46 -0.69 17.29
N VAL C 275 -20.51 -2.00 17.08
CA VAL C 275 -19.55 -2.69 16.22
C VAL C 275 -20.16 -2.97 14.83
N PRO C 276 -19.72 -2.20 13.81
CA PRO C 276 -20.20 -2.40 12.45
C PRO C 276 -19.43 -3.51 11.74
N CYS C 277 -19.97 -3.99 10.63
CA CYS C 277 -19.36 -5.08 9.89
C CYS C 277 -19.49 -4.87 8.39
N PHE C 278 -18.52 -5.36 7.64
CA PHE C 278 -18.67 -5.49 6.19
C PHE C 278 -18.23 -6.87 5.70
N ALA C 279 -19.08 -7.49 4.89
CA ALA C 279 -18.79 -8.78 4.30
C ALA C 279 -18.22 -8.60 2.90
N SER C 280 -17.03 -9.12 2.69
CA SER C 280 -16.34 -8.95 1.41
C SER C 280 -16.21 -10.25 0.64
N MET C 281 -16.85 -10.31 -0.52
CA MET C 281 -16.69 -11.40 -1.45
C MET C 281 -16.04 -10.86 -2.73
N LEU C 282 -15.23 -9.81 -2.55
CA LEU C 282 -14.57 -9.14 -3.66
C LEU C 282 -13.32 -9.89 -4.09
N THR C 283 -13.12 -9.97 -5.40
CA THR C 283 -11.98 -10.66 -5.99
C THR C 283 -10.78 -9.73 -6.15
N LYS C 284 -11.07 -8.44 -6.33
CA LYS C 284 -10.04 -7.45 -6.61
C LYS C 284 -10.11 -6.25 -5.66
N LYS C 285 -9.08 -5.41 -5.68
CA LYS C 285 -9.07 -4.18 -4.89
C LYS C 285 -10.00 -3.13 -5.49
N LEU C 286 -10.41 -2.16 -4.66
CA LEU C 286 -11.42 -1.20 -5.07
C LEU C 286 -11.01 0.23 -4.72
N HIS C 287 -10.78 1.04 -5.76
CA HIS C 287 -10.41 2.43 -5.58
C HIS C 287 -11.24 3.34 -6.49
N PHE C 288 -11.77 4.41 -5.92
CA PHE C 288 -12.57 5.36 -6.70
C PHE C 288 -11.75 6.58 -7.12
N PHE C 289 -10.73 6.34 -7.95
CA PHE C 289 -10.00 7.43 -8.61
C PHE C 289 -10.99 8.22 -9.48
N PRO C 290 -10.87 9.56 -9.46
CA PRO C 290 -11.78 10.41 -10.24
C PRO C 290 -11.77 10.05 -11.73
N LYS C 291 -12.95 9.85 -12.29
CA LYS C 291 -13.11 9.42 -13.69
C LYS C 291 -12.49 10.39 -14.69
N SER C 292 -11.91 9.83 -15.75
CA SER C 292 -11.29 10.61 -16.83
C SER C 292 -10.24 11.60 -16.31
N MET D 30 -4.25 13.66 13.92
CA MET D 30 -5.23 13.09 14.90
C MET D 30 -6.07 11.99 14.27
N PHE D 31 -6.61 12.27 13.08
CA PHE D 31 -7.38 11.27 12.33
C PHE D 31 -6.46 10.19 11.78
N ASP D 32 -6.51 9.01 12.39
CA ASP D 32 -5.65 7.90 12.03
C ASP D 32 -6.13 7.24 10.73
N PRO D 33 -5.48 7.57 9.60
CA PRO D 33 -5.97 7.20 8.27
C PRO D 33 -5.60 5.77 7.87
N ALA D 34 -4.38 5.36 8.21
CA ALA D 34 -3.91 4.01 7.91
C ALA D 34 -3.46 3.29 9.18
N GLU D 35 -4.18 3.55 10.27
CA GLU D 35 -3.83 2.99 11.58
C GLU D 35 -3.88 1.47 11.58
N LYS D 36 -2.79 0.85 12.03
CA LYS D 36 -2.71 -0.60 12.13
C LYS D 36 -2.73 -1.04 13.60
N TYR D 37 -3.08 -2.30 13.81
CA TYR D 37 -2.90 -2.93 15.13
C TYR D 37 -1.42 -3.07 15.41
N LYS D 38 -1.05 -2.80 16.66
CA LYS D 38 0.35 -2.94 17.10
C LYS D 38 0.83 -4.37 16.89
N MET D 39 2.03 -4.51 16.35
CA MET D 39 2.62 -5.82 16.07
C MET D 39 4.01 -5.96 16.69
N ASP D 40 4.18 -5.33 17.85
CA ASP D 40 5.49 -5.25 18.51
C ASP D 40 5.58 -6.06 19.80
N HIS D 41 4.46 -6.68 20.20
CA HIS D 41 4.41 -7.48 21.43
C HIS D 41 5.34 -8.69 21.34
N ARG D 42 5.68 -9.25 22.50
CA ARG D 42 6.63 -10.37 22.61
C ARG D 42 6.34 -11.50 21.62
N ARG D 43 5.21 -12.17 21.81
CA ARG D 43 4.81 -13.28 20.95
C ARG D 43 3.63 -12.88 20.06
N ARG D 44 3.56 -13.48 18.88
CA ARG D 44 2.48 -13.18 17.93
C ARG D 44 1.14 -13.72 18.42
N GLY D 45 1.16 -14.90 19.03
CA GLY D 45 -0.04 -15.51 19.59
C GLY D 45 -0.12 -16.99 19.33
N ILE D 46 -1.34 -17.52 19.33
CA ILE D 46 -1.58 -18.95 19.14
C ILE D 46 -2.34 -19.21 17.84
N ALA D 47 -1.83 -20.15 17.04
CA ALA D 47 -2.59 -20.71 15.93
C ALA D 47 -3.33 -21.95 16.40
N LEU D 48 -4.66 -21.85 16.47
CA LEU D 48 -5.48 -22.92 17.00
C LEU D 48 -6.21 -23.67 15.90
N ILE D 49 -5.66 -24.83 15.52
CA ILE D 49 -6.29 -25.66 14.51
C ILE D 49 -7.26 -26.65 15.14
N PHE D 50 -8.52 -26.56 14.73
CA PHE D 50 -9.59 -27.41 15.25
C PHE D 50 -10.22 -28.19 14.10
N ASN D 51 -9.91 -29.48 14.03
CA ASN D 51 -10.50 -30.35 13.01
C ASN D 51 -11.73 -31.11 13.53
N HIS D 52 -12.85 -30.90 12.86
CA HIS D 52 -14.13 -31.50 13.26
C HIS D 52 -14.17 -32.97 12.85
N GLU D 53 -14.01 -33.85 13.83
CA GLU D 53 -13.95 -35.30 13.59
C GLU D 53 -15.01 -36.06 14.37
N ARG D 54 -16.09 -35.37 14.74
CA ARG D 54 -17.17 -35.97 15.51
C ARG D 54 -18.39 -36.26 14.65
N PHE D 55 -18.99 -37.44 14.85
CA PHE D 55 -20.22 -37.84 14.18
C PHE D 55 -20.07 -37.93 12.67
N PHE D 56 -18.82 -38.09 12.22
CA PHE D 56 -18.52 -38.33 10.82
C PHE D 56 -18.18 -39.80 10.63
N TRP D 57 -19.22 -40.63 10.53
CA TRP D 57 -19.06 -42.08 10.47
C TRP D 57 -18.56 -42.54 9.10
N HIS D 58 -17.70 -43.55 9.11
CA HIS D 58 -17.10 -44.11 7.90
C HIS D 58 -16.57 -43.06 6.93
N LEU D 59 -15.66 -42.23 7.45
CA LEU D 59 -14.93 -41.24 6.69
C LEU D 59 -14.00 -41.92 5.69
N THR D 60 -14.02 -41.45 4.44
CA THR D 60 -13.16 -42.00 3.40
C THR D 60 -11.72 -41.51 3.55
N LEU D 61 -10.78 -42.26 2.97
CA LEU D 61 -9.35 -41.94 3.09
C LEU D 61 -8.92 -40.65 2.37
N PRO D 62 -9.52 -40.35 1.19
CA PRO D 62 -9.27 -39.06 0.55
C PRO D 62 -9.62 -37.86 1.43
N GLU D 63 -10.48 -38.07 2.42
CA GLU D 63 -10.82 -37.03 3.39
C GLU D 63 -9.96 -37.17 4.65
N ARG D 64 -9.49 -38.40 4.91
CA ARG D 64 -8.72 -38.73 6.12
C ARG D 64 -7.40 -37.95 6.22
N ARG D 65 -6.53 -38.13 5.21
CA ARG D 65 -5.22 -37.47 5.19
C ARG D 65 -5.06 -36.70 3.91
N GLY D 66 -6.22 -36.50 3.29
CA GLY D 66 -6.64 -35.25 2.74
C GLY D 66 -6.64 -34.10 3.75
N THR D 67 -7.20 -34.30 4.94
CA THR D 67 -7.25 -33.23 5.95
C THR D 67 -5.89 -32.97 6.59
N CYS D 68 -5.10 -34.04 6.74
CA CYS D 68 -3.74 -33.93 7.24
C CYS D 68 -2.94 -32.90 6.44
N ALA D 69 -3.05 -32.97 5.11
CA ALA D 69 -2.33 -32.06 4.22
C ALA D 69 -2.79 -30.61 4.35
N ASP D 70 -3.97 -30.40 4.92
CA ASP D 70 -4.44 -29.06 5.26
C ASP D 70 -3.94 -28.65 6.63
N ARG D 71 -3.97 -29.59 7.58
CA ARG D 71 -3.52 -29.33 8.94
C ARG D 71 -2.01 -29.13 8.97
N ASP D 72 -1.27 -29.97 8.25
CA ASP D 72 0.19 -29.89 8.20
C ASP D 72 0.69 -28.81 7.25
N ASN D 73 -0.21 -28.28 6.43
CA ASN D 73 0.08 -27.15 5.56
C ASN D 73 -0.17 -25.83 6.28
N LEU D 74 -1.26 -25.78 7.04
CA LEU D 74 -1.63 -24.57 7.76
C LEU D 74 -0.88 -24.42 9.09
N THR D 75 -0.45 -25.54 9.66
CA THR D 75 0.41 -25.52 10.85
C THR D 75 1.84 -25.09 10.52
N ARG D 76 2.18 -25.11 9.23
CA ARG D 76 3.48 -24.60 8.79
C ARG D 76 3.46 -23.10 8.51
N ARG D 77 2.41 -22.65 7.82
CA ARG D 77 2.34 -21.26 7.34
C ARG D 77 2.21 -20.23 8.45
N PHE D 78 1.41 -20.54 9.47
CA PHE D 78 1.26 -19.67 10.63
C PHE D 78 2.51 -19.70 11.51
N SER D 79 3.13 -20.88 11.61
CA SER D 79 4.39 -21.04 12.33
C SER D 79 5.52 -20.28 11.61
N ASP D 80 5.39 -20.17 10.29
CA ASP D 80 6.29 -19.34 9.49
C ASP D 80 6.02 -17.85 9.73
N LEU D 81 4.82 -17.53 10.22
CA LEU D 81 4.46 -16.16 10.55
C LEU D 81 4.75 -15.82 12.03
N GLY D 82 5.16 -16.83 12.79
CA GLY D 82 5.51 -16.64 14.20
C GLY D 82 4.42 -17.04 15.17
N PHE D 83 3.43 -17.78 14.68
CA PHE D 83 2.36 -18.31 15.52
C PHE D 83 2.77 -19.64 16.16
N GLU D 84 2.25 -19.89 17.36
CA GLU D 84 2.39 -21.19 18.00
C GLU D 84 1.18 -22.05 17.66
N VAL D 85 1.41 -23.10 16.87
CA VAL D 85 0.32 -23.93 16.39
C VAL D 85 -0.04 -25.05 17.36
N LYS D 86 -1.28 -25.03 17.82
CA LYS D 86 -1.82 -26.10 18.66
C LYS D 86 -2.93 -26.84 17.92
N CYS D 87 -2.68 -28.12 17.65
CA CYS D 87 -3.66 -28.96 16.96
C CYS D 87 -4.27 -29.97 17.92
N PHE D 88 -5.58 -29.90 18.07
CA PHE D 88 -6.33 -30.83 18.91
C PHE D 88 -7.70 -31.10 18.28
N ASN D 89 -8.16 -32.35 18.40
CA ASN D 89 -9.42 -32.75 17.81
C ASN D 89 -10.54 -32.95 18.83
N ASP D 90 -11.77 -32.88 18.34
CA ASP D 90 -12.96 -33.06 19.17
C ASP D 90 -13.24 -34.55 19.43
N LEU D 91 -12.61 -35.41 18.63
CA LEU D 91 -12.72 -36.86 18.78
C LEU D 91 -12.22 -37.32 20.16
N LYS D 92 -11.15 -36.69 20.63
CA LYS D 92 -10.61 -36.95 21.96
C LYS D 92 -11.49 -36.33 23.05
N LEU D 98 -11.78 -29.79 27.80
CA LEU D 98 -11.26 -29.21 29.03
C LEU D 98 -9.88 -28.54 28.83
N LYS D 99 -9.23 -28.85 27.71
CA LYS D 99 -8.05 -28.10 27.28
C LYS D 99 -8.49 -26.86 26.49
N ILE D 100 -9.81 -26.75 26.27
CA ILE D 100 -10.40 -25.62 25.57
C ILE D 100 -10.46 -24.38 26.46
N HIS D 101 -10.71 -24.59 27.75
CA HIS D 101 -10.70 -23.51 28.74
C HIS D 101 -9.26 -23.08 29.06
N GLU D 102 -8.31 -23.96 28.74
CA GLU D 102 -6.90 -23.68 28.96
C GLU D 102 -6.30 -22.84 27.81
N VAL D 103 -7.07 -22.65 26.75
CA VAL D 103 -6.64 -21.81 25.62
C VAL D 103 -7.06 -20.35 25.85
N SER D 104 -8.31 -20.16 26.26
CA SER D 104 -8.85 -18.82 26.52
C SER D 104 -8.30 -18.23 27.82
N THR D 105 -7.92 -19.11 28.75
CA THR D 105 -7.48 -18.69 30.09
C THR D 105 -6.07 -18.09 30.09
N VAL D 106 -5.26 -18.44 29.08
CA VAL D 106 -3.87 -17.96 28.99
C VAL D 106 -3.80 -16.46 28.73
N SER D 107 -2.72 -15.83 29.19
CA SER D 107 -2.51 -14.40 29.02
C SER D 107 -2.09 -14.03 27.60
N HIS D 108 -2.80 -13.07 27.02
CA HIS D 108 -2.47 -12.55 25.70
C HIS D 108 -1.95 -11.11 25.78
N ALA D 109 -1.71 -10.64 27.01
CA ALA D 109 -1.22 -9.30 27.25
C ALA D 109 0.16 -9.06 26.61
N ASP D 110 0.85 -10.16 26.35
CA ASP D 110 2.14 -10.12 25.66
C ASP D 110 2.05 -10.71 24.25
N ALA D 111 0.83 -11.05 23.83
CA ALA D 111 0.58 -11.61 22.51
C ALA D 111 -0.17 -10.64 21.60
N ASP D 112 0.10 -10.71 20.30
CA ASP D 112 -0.50 -9.79 19.33
C ASP D 112 -1.95 -10.14 19.01
N CYS D 113 -2.17 -11.37 18.55
CA CYS D 113 -3.48 -11.79 18.03
C CYS D 113 -3.90 -13.16 18.54
N PHE D 114 -5.15 -13.51 18.25
CA PHE D 114 -5.60 -14.90 18.36
C PHE D 114 -6.05 -15.42 17.00
N VAL D 115 -5.47 -16.53 16.58
CA VAL D 115 -5.85 -17.19 15.34
C VAL D 115 -6.41 -18.58 15.63
N CYS D 116 -7.63 -18.82 15.17
CA CYS D 116 -8.26 -20.12 15.30
C CYS D 116 -8.84 -20.57 13.97
N VAL D 117 -8.20 -21.55 13.35
CA VAL D 117 -8.67 -22.10 12.09
C VAL D 117 -9.51 -23.35 12.33
N PHE D 118 -10.71 -23.34 11.76
CA PHE D 118 -11.69 -24.40 11.96
C PHE D 118 -11.76 -25.28 10.71
N LEU D 119 -11.44 -26.56 10.87
CA LEU D 119 -11.44 -27.51 9.75
C LEU D 119 -12.54 -28.56 9.87
N SER D 120 -13.12 -28.93 8.74
CA SER D 120 -14.17 -29.95 8.68
C SER D 120 -14.17 -30.65 7.33
N HIS D 121 -14.84 -31.81 7.26
CA HIS D 121 -14.95 -32.55 6.01
C HIS D 121 -16.26 -32.25 5.29
N GLY D 122 -16.26 -32.47 3.98
CA GLY D 122 -17.37 -32.06 3.11
C GLY D 122 -18.69 -32.76 3.35
N GLU D 123 -18.77 -34.02 2.92
CA GLU D 123 -20.03 -34.77 2.97
C GLU D 123 -20.27 -35.40 4.34
N GLY D 124 -21.03 -34.70 5.19
CA GLY D 124 -21.40 -35.21 6.50
C GLY D 124 -22.91 -35.23 6.70
N ASN D 125 -23.35 -36.07 7.64
CA ASN D 125 -24.76 -36.11 8.03
C ASN D 125 -25.18 -34.84 8.77
N HIS D 126 -26.48 -34.65 8.94
CA HIS D 126 -27.04 -33.43 9.53
C HIS D 126 -26.54 -33.14 10.95
N ILE D 127 -26.15 -34.20 11.66
CA ILE D 127 -25.59 -34.08 13.01
C ILE D 127 -24.20 -33.47 12.98
N TYR D 128 -23.39 -33.89 12.00
CA TYR D 128 -22.07 -33.31 11.77
C TYR D 128 -22.16 -31.82 11.43
N ALA D 129 -23.18 -31.47 10.65
CA ALA D 129 -23.42 -30.08 10.26
C ALA D 129 -23.92 -29.25 11.45
N TYR D 130 -24.76 -29.85 12.28
CA TYR D 130 -25.35 -29.18 13.44
C TYR D 130 -24.33 -28.98 14.56
N ASP D 131 -23.47 -29.98 14.78
CA ASP D 131 -22.45 -29.92 15.82
C ASP D 131 -21.40 -28.84 15.55
N ALA D 132 -21.02 -28.70 14.28
CA ALA D 132 -20.03 -27.70 13.87
C ALA D 132 -20.49 -26.28 14.19
N LYS D 133 -21.78 -26.01 13.93
CA LYS D 133 -22.38 -24.70 14.18
C LYS D 133 -22.30 -24.31 15.66
N ILE D 134 -22.53 -25.28 16.54
CA ILE D 134 -22.47 -25.05 17.99
C ILE D 134 -21.03 -24.95 18.49
N GLU D 135 -20.10 -25.63 17.79
CA GLU D 135 -18.68 -25.55 18.12
C GLU D 135 -18.09 -24.19 17.78
N ILE D 136 -18.65 -23.53 16.75
CA ILE D 136 -18.24 -22.17 16.35
C ILE D 136 -18.84 -21.11 17.29
N GLN D 137 -19.98 -21.45 17.88
CA GLN D 137 -20.61 -20.62 18.91
C GLN D 137 -19.71 -20.50 20.13
N THR D 138 -19.26 -21.64 20.65
CA THR D 138 -18.47 -21.69 21.88
C THR D 138 -17.05 -21.15 21.70
N LEU D 139 -16.42 -21.47 20.57
CA LEU D 139 -15.10 -20.92 20.24
C LEU D 139 -15.16 -19.41 20.05
N THR D 140 -16.16 -18.98 19.29
CA THR D 140 -16.38 -17.57 18.98
C THR D 140 -16.85 -16.76 20.19
N GLY D 141 -17.73 -17.37 20.99
CA GLY D 141 -18.25 -16.74 22.21
C GLY D 141 -17.28 -16.77 23.38
N LEU D 142 -16.31 -17.68 23.31
CA LEU D 142 -15.28 -17.82 24.34
C LEU D 142 -14.30 -16.66 24.28
N PHE D 143 -14.05 -16.16 23.06
CA PHE D 143 -13.04 -15.13 22.84
C PHE D 143 -13.63 -13.76 22.51
N LYS D 144 -14.92 -13.58 22.82
CA LYS D 144 -15.53 -12.26 22.81
C LYS D 144 -14.87 -11.40 23.89
N GLY D 145 -14.43 -10.20 23.50
CA GLY D 145 -13.62 -9.32 24.36
C GLY D 145 -14.12 -9.18 25.79
N ASP D 146 -15.44 -9.13 25.94
CA ASP D 146 -16.08 -9.05 27.25
C ASP D 146 -15.85 -10.29 28.12
N LYS D 147 -15.59 -11.43 27.49
CA LYS D 147 -15.30 -12.67 28.20
C LYS D 147 -13.79 -12.92 28.34
N CYS D 148 -13.05 -12.71 27.25
CA CYS D 148 -11.59 -12.79 27.28
C CYS D 148 -10.98 -11.39 27.25
N HIS D 149 -10.49 -10.94 28.40
CA HIS D 149 -10.03 -9.56 28.56
C HIS D 149 -8.58 -9.32 28.15
N SER D 150 -7.82 -10.41 28.05
CA SER D 150 -6.41 -10.32 27.63
C SER D 150 -6.25 -10.10 26.13
N LEU D 151 -7.31 -10.37 25.37
CA LEU D 151 -7.30 -10.17 23.92
C LEU D 151 -8.09 -8.94 23.48
N VAL D 152 -8.56 -8.14 24.44
CA VAL D 152 -9.31 -6.91 24.16
C VAL D 152 -8.45 -5.92 23.36
N GLY D 153 -9.00 -5.44 22.25
CA GLY D 153 -8.29 -4.51 21.37
C GLY D 153 -7.34 -5.20 20.42
N LYS D 154 -7.21 -6.51 20.57
CA LYS D 154 -6.28 -7.30 19.78
C LYS D 154 -7.03 -8.23 18.83
N PRO D 155 -6.72 -8.15 17.52
CA PRO D 155 -7.47 -8.82 16.46
C PRO D 155 -7.63 -10.33 16.66
N LYS D 156 -8.87 -10.80 16.54
CA LYS D 156 -9.19 -12.23 16.60
C LYS D 156 -9.64 -12.73 15.24
N ILE D 157 -8.78 -13.49 14.57
CA ILE D 157 -9.08 -14.01 13.24
C ILE D 157 -9.56 -15.46 13.32
N PHE D 158 -10.85 -15.67 13.03
CA PHE D 158 -11.43 -17.00 12.97
C PHE D 158 -11.61 -17.44 11.51
N ILE D 159 -10.79 -18.41 11.09
CA ILE D 159 -10.92 -18.97 9.75
C ILE D 159 -11.80 -20.22 9.78
N ILE D 160 -13.02 -20.06 9.25
CA ILE D 160 -14.04 -21.11 9.31
C ILE D 160 -14.09 -21.91 8.01
N GLN D 161 -14.16 -23.23 8.14
CA GLN D 161 -14.46 -24.10 6.99
C GLN D 161 -15.80 -24.77 7.19
N ALA D 162 -16.82 -24.25 6.49
CA ALA D 162 -18.21 -24.65 6.72
C ALA D 162 -18.66 -25.80 5.80
N CYS D 163 -19.66 -26.55 6.27
CA CYS D 163 -20.22 -27.65 5.51
C CYS D 163 -21.72 -27.47 5.29
N ALA D 194 -31.96 -23.34 20.75
CA ALA D 194 -31.07 -22.21 20.51
C ALA D 194 -31.67 -21.22 19.52
N ALA D 195 -32.29 -21.74 18.45
CA ALA D 195 -32.92 -20.93 17.40
C ALA D 195 -31.97 -19.90 16.77
N SER D 196 -30.67 -20.21 16.78
CA SER D 196 -29.66 -19.31 16.25
C SER D 196 -28.76 -20.02 15.22
N VAL D 197 -29.39 -20.68 14.26
CA VAL D 197 -28.68 -21.37 13.19
C VAL D 197 -28.31 -20.40 12.07
N TYR D 198 -27.17 -19.73 12.23
CA TYR D 198 -26.71 -18.74 11.25
C TYR D 198 -25.21 -18.84 11.01
N THR D 199 -24.77 -18.26 9.90
CA THR D 199 -23.35 -18.28 9.52
C THR D 199 -22.51 -17.22 10.24
N LEU D 200 -23.15 -16.11 10.62
CA LEU D 200 -22.42 -14.96 11.19
C LEU D 200 -22.64 -14.80 12.70
N PRO D 201 -21.55 -14.49 13.44
CA PRO D 201 -21.58 -14.08 14.84
C PRO D 201 -21.05 -12.66 15.06
N ALA D 202 -20.85 -12.29 16.33
CA ALA D 202 -20.50 -10.90 16.69
C ALA D 202 -19.12 -10.77 17.34
N GLY D 203 -18.67 -9.53 17.48
CA GLY D 203 -17.43 -9.22 18.21
C GLY D 203 -16.56 -8.18 17.54
N ALA D 204 -15.95 -7.32 18.36
CA ALA D 204 -15.02 -6.29 17.86
C ALA D 204 -13.62 -6.89 17.67
N ASP D 205 -12.89 -6.36 16.68
CA ASP D 205 -11.59 -6.90 16.27
C ASP D 205 -11.70 -8.38 15.89
N PHE D 206 -12.83 -8.73 15.29
CA PHE D 206 -13.11 -10.10 14.88
C PHE D 206 -13.08 -10.23 13.36
N LEU D 207 -12.41 -11.28 12.88
CA LEU D 207 -12.37 -11.56 11.44
C LEU D 207 -12.85 -12.98 11.17
N MET D 208 -14.01 -13.09 10.53
CA MET D 208 -14.62 -14.38 10.23
C MET D 208 -14.37 -14.77 8.77
N CYS D 209 -13.39 -15.65 8.58
CA CYS D 209 -13.00 -16.08 7.23
C CYS D 209 -13.70 -17.38 6.86
N TYR D 210 -14.68 -17.29 5.97
CA TYR D 210 -15.47 -18.46 5.56
C TYR D 210 -14.92 -19.10 4.30
N SER D 211 -14.87 -20.43 4.30
CA SER D 211 -14.44 -21.21 3.14
C SER D 211 -15.31 -20.91 1.93
N VAL D 212 -16.60 -20.75 2.19
CA VAL D 212 -17.58 -20.42 1.15
C VAL D 212 -18.82 -19.80 1.82
N ALA D 213 -19.43 -18.82 1.13
CA ALA D 213 -20.59 -18.09 1.67
C ALA D 213 -21.85 -18.95 1.69
N GLU D 214 -23.00 -18.35 2.01
CA GLU D 214 -24.29 -19.04 1.92
C GLU D 214 -24.76 -19.08 0.47
N GLY D 215 -25.67 -20.00 0.15
CA GLY D 215 -26.01 -20.31 -1.25
C GLY D 215 -24.81 -20.95 -1.91
N TYR D 216 -24.06 -21.68 -1.09
CA TYR D 216 -22.73 -22.14 -1.43
C TYR D 216 -22.74 -23.58 -1.90
N TYR D 217 -21.68 -23.97 -2.59
CA TYR D 217 -21.43 -25.35 -2.93
C TYR D 217 -19.98 -25.68 -2.62
N SER D 218 -19.78 -26.52 -1.59
CA SER D 218 -18.46 -26.74 -1.02
C SER D 218 -17.63 -27.75 -1.81
N HIS D 219 -16.32 -27.57 -1.74
CA HIS D 219 -15.36 -28.50 -2.34
C HIS D 219 -15.31 -29.83 -1.60
N ARG D 220 -14.78 -30.85 -2.26
CA ARG D 220 -14.51 -32.13 -1.62
C ARG D 220 -13.00 -32.31 -1.46
N GLU D 221 -12.58 -32.68 -0.25
CA GLU D 221 -11.16 -32.87 0.04
C GLU D 221 -10.56 -34.04 -0.71
N THR D 222 -9.44 -33.80 -1.36
CA THR D 222 -8.70 -34.83 -2.08
C THR D 222 -7.27 -34.91 -1.55
N VAL D 223 -6.43 -35.70 -2.22
CA VAL D 223 -5.06 -35.95 -1.75
C VAL D 223 -4.08 -34.84 -2.14
N ASN D 224 -4.54 -33.61 -1.97
CA ASN D 224 -3.84 -32.62 -1.17
C ASN D 224 -4.80 -32.17 -0.08
N GLY D 225 -5.83 -31.42 -0.45
CA GLY D 225 -6.84 -30.97 0.51
C GLY D 225 -7.96 -30.16 -0.12
N SER D 226 -8.41 -29.14 0.60
CA SER D 226 -9.51 -28.30 0.15
C SER D 226 -9.00 -27.00 -0.47
N TRP D 227 -9.56 -26.64 -1.62
CA TRP D 227 -9.10 -25.49 -2.41
C TRP D 227 -8.93 -24.21 -1.60
N TYR D 228 -9.83 -23.98 -0.65
CA TYR D 228 -9.78 -22.80 0.20
C TYR D 228 -8.51 -22.79 1.06
N ILE D 229 -8.28 -23.91 1.77
CA ILE D 229 -7.08 -24.05 2.60
C ILE D 229 -5.82 -24.16 1.73
N GLN D 230 -5.95 -24.85 0.59
CA GLN D 230 -4.88 -24.94 -0.39
C GLN D 230 -4.33 -23.56 -0.76
N ASP D 231 -5.21 -22.71 -1.27
CA ASP D 231 -4.84 -21.39 -1.76
C ASP D 231 -4.60 -20.38 -0.63
N LEU D 232 -5.25 -20.59 0.51
CA LEU D 232 -5.04 -19.77 1.70
C LEU D 232 -3.60 -19.88 2.19
N CYS D 233 -3.13 -21.12 2.37
CA CYS D 233 -1.74 -21.38 2.72
C CYS D 233 -0.78 -20.83 1.67
N GLU D 234 -1.17 -20.97 0.40
CA GLU D 234 -0.38 -20.50 -0.73
C GLU D 234 -0.16 -18.98 -0.67
N MET D 235 -1.21 -18.25 -0.30
CA MET D 235 -1.14 -16.81 -0.15
C MET D 235 -0.28 -16.38 1.05
N LEU D 236 -0.32 -17.19 2.11
CA LEU D 236 0.46 -16.91 3.32
C LEU D 236 1.97 -17.03 3.08
N GLY D 237 2.35 -17.87 2.14
CA GLY D 237 3.76 -18.02 1.76
C GLY D 237 4.21 -16.91 0.84
N LYS D 238 3.33 -16.49 -0.06
CA LYS D 238 3.67 -15.51 -1.09
C LYS D 238 3.46 -14.06 -0.64
N TYR D 239 2.39 -13.81 0.12
CA TYR D 239 2.02 -12.44 0.50
C TYR D 239 1.61 -12.27 1.96
N GLY D 240 1.90 -13.28 2.79
CA GLY D 240 1.49 -13.29 4.20
C GLY D 240 2.06 -12.16 5.02
N SER D 241 3.37 -11.93 4.87
CA SER D 241 4.07 -10.88 5.60
C SER D 241 4.11 -9.57 4.82
N SER D 242 3.69 -9.62 3.55
CA SER D 242 3.85 -8.50 2.64
C SER D 242 2.58 -7.68 2.44
N LEU D 243 1.43 -8.30 2.66
CA LEU D 243 0.15 -7.63 2.46
C LEU D 243 -0.69 -7.52 3.72
N GLU D 244 -1.58 -6.53 3.75
CA GLU D 244 -2.60 -6.44 4.79
C GLU D 244 -3.50 -7.66 4.67
N PHE D 245 -3.92 -8.20 5.82
CA PHE D 245 -4.56 -9.52 5.86
C PHE D 245 -5.90 -9.60 5.12
N THR D 246 -6.63 -8.49 5.08
CA THR D 246 -7.89 -8.41 4.33
C THR D 246 -7.63 -8.42 2.82
N GLU D 247 -6.51 -7.82 2.42
CA GLU D 247 -6.08 -7.82 1.02
C GLU D 247 -5.66 -9.23 0.59
N LEU D 248 -5.10 -9.98 1.54
CA LEU D 248 -4.69 -11.37 1.31
C LEU D 248 -5.89 -12.28 1.05
N LEU D 249 -6.95 -12.09 1.83
CA LEU D 249 -8.17 -12.88 1.71
C LEU D 249 -8.91 -12.57 0.41
N THR D 250 -8.81 -11.32 -0.03
CA THR D 250 -9.36 -10.89 -1.32
C THR D 250 -8.71 -11.67 -2.47
N LEU D 251 -7.41 -11.95 -2.33
CA LEU D 251 -6.68 -12.76 -3.29
C LEU D 251 -7.13 -14.23 -3.24
N VAL D 252 -7.41 -14.72 -2.03
CA VAL D 252 -7.96 -16.06 -1.84
C VAL D 252 -9.35 -16.15 -2.46
N ASN D 253 -10.15 -15.10 -2.27
CA ASN D 253 -11.49 -15.02 -2.84
C ASN D 253 -11.51 -15.10 -4.37
N ARG D 254 -10.49 -14.51 -5.00
CA ARG D 254 -10.36 -14.55 -6.46
C ARG D 254 -9.75 -15.88 -6.93
N LYS D 255 -8.72 -16.34 -6.22
CA LYS D 255 -7.99 -17.55 -6.59
C LYS D 255 -8.87 -18.80 -6.55
N VAL D 256 -9.60 -18.98 -5.45
CA VAL D 256 -10.43 -20.17 -5.24
C VAL D 256 -11.62 -20.20 -6.21
N SER D 257 -12.21 -19.04 -6.47
CA SER D 257 -13.34 -18.94 -7.41
C SER D 257 -12.91 -19.18 -8.86
N GLN D 258 -11.71 -18.72 -9.20
CA GLN D 258 -11.16 -18.91 -10.55
C GLN D 258 -10.60 -20.32 -10.76
N ARG D 259 -10.18 -20.96 -9.67
CA ARG D 259 -9.78 -22.36 -9.72
C ARG D 259 -11.01 -23.27 -9.76
N ARG D 260 -11.94 -22.94 -10.66
CA ARG D 260 -13.20 -23.66 -10.80
C ARG D 260 -13.08 -24.80 -11.82
N VAL D 261 -12.23 -25.77 -11.51
CA VAL D 261 -12.06 -26.95 -12.35
C VAL D 261 -13.19 -27.94 -12.14
N ASP D 262 -13.45 -28.76 -13.16
CA ASP D 262 -14.51 -29.76 -13.11
C ASP D 262 -13.96 -31.16 -12.82
N GLY D 271 -20.45 -27.24 -11.70
CA GLY D 271 -19.74 -26.40 -12.65
C GLY D 271 -19.85 -24.92 -12.35
N LYS D 272 -20.12 -24.58 -11.09
CA LYS D 272 -20.24 -23.20 -10.66
C LYS D 272 -18.93 -22.70 -10.02
N LYS D 273 -18.91 -21.43 -9.62
CA LYS D 273 -17.74 -20.83 -8.98
C LYS D 273 -17.94 -20.69 -7.48
N GLN D 274 -17.02 -21.28 -6.71
CA GLN D 274 -17.07 -21.21 -5.25
C GLN D 274 -16.73 -19.80 -4.79
N VAL D 275 -17.72 -19.12 -4.20
CA VAL D 275 -17.55 -17.75 -3.73
C VAL D 275 -17.33 -17.72 -2.22
N PRO D 276 -16.08 -17.47 -1.78
CA PRO D 276 -15.76 -17.37 -0.36
C PRO D 276 -16.07 -15.98 0.18
N CYS D 277 -16.13 -15.87 1.52
CA CYS D 277 -16.46 -14.61 2.17
C CYS D 277 -15.63 -14.42 3.42
N PHE D 278 -15.35 -13.15 3.74
CA PHE D 278 -14.83 -12.81 5.06
C PHE D 278 -15.57 -11.62 5.67
N ALA D 279 -15.99 -11.79 6.92
CA ALA D 279 -16.67 -10.72 7.65
C ALA D 279 -15.67 -9.97 8.50
N SER D 280 -15.59 -8.66 8.28
CA SER D 280 -14.62 -7.82 8.98
C SER D 280 -15.29 -6.86 9.94
N MET D 281 -14.98 -7.03 11.22
CA MET D 281 -15.38 -6.08 12.26
C MET D 281 -14.13 -5.45 12.85
N LEU D 282 -13.09 -5.37 12.02
CA LEU D 282 -11.80 -4.85 12.44
C LEU D 282 -11.78 -3.33 12.44
N THR D 283 -11.17 -2.76 13.48
CA THR D 283 -11.08 -1.31 13.63
C THR D 283 -9.83 -0.75 12.95
N LYS D 284 -8.80 -1.58 12.86
CA LYS D 284 -7.50 -1.15 12.33
C LYS D 284 -7.00 -2.08 11.22
N LYS D 285 -5.96 -1.65 10.51
CA LYS D 285 -5.32 -2.47 9.48
C LYS D 285 -4.50 -3.60 10.10
N LEU D 286 -4.24 -4.64 9.33
CA LEU D 286 -3.59 -5.84 9.86
C LEU D 286 -2.45 -6.31 8.96
N HIS D 287 -1.23 -6.24 9.49
CA HIS D 287 -0.05 -6.68 8.76
C HIS D 287 0.83 -7.55 9.64
N PHE D 288 1.26 -8.68 9.11
CA PHE D 288 2.14 -9.59 9.85
C PHE D 288 3.61 -9.41 9.47
N PHE D 289 4.15 -8.22 9.77
CA PHE D 289 5.59 -7.98 9.67
C PHE D 289 6.30 -8.94 10.61
N PRO D 290 7.43 -9.54 10.15
CA PRO D 290 8.17 -10.47 10.99
C PRO D 290 8.60 -9.87 12.33
N LYS D 291 8.30 -10.57 13.41
CA LYS D 291 8.54 -10.09 14.77
C LYS D 291 10.02 -9.79 15.03
N SER D 292 10.27 -8.74 15.81
CA SER D 292 11.62 -8.32 16.20
C SER D 292 12.53 -8.10 14.99
ZN ZN E . 3.71 -4.84 -2.34
ZN ZN F . 0.07 4.79 2.95
ZN ZN G . -5.22 2.12 -5.18
ZN ZN H . 0.21 -4.64 4.77
#